data_1GUF
#
_entry.id   1GUF
#
_cell.length_a   92.170
_cell.length_b   92.170
_cell.length_c   225.660
_cell.angle_alpha   90.00
_cell.angle_beta   90.00
_cell.angle_gamma   120.00
#
_symmetry.space_group_name_H-M   'P 31 2 1'
#
loop_
_entity.id
_entity.type
_entity.pdbx_description
1 polymer 'ENOYL-[ACYL-CARRIER-PROTEIN] REDUCTASE [NADPH, B-SPECIFIC] 1, MITOCHONDRIAL'
2 non-polymer GLYCEROL
3 non-polymer 'SULFATE ION'
4 non-polymer 'NADPH DIHYDRO-NICOTINAMIDE-ADENINE-DINUCLEOTIDE PHOSPHATE'
5 water water
#
_entity_poly.entity_id   1
_entity_poly.type   'polypeptide(L)'
_entity_poly.pdbx_seq_one_letter_code
;MITAQAVLYTQHGEPKDVLFTQSFEIDDDNLAPNEVIVKTLGSPVNPSDINQIQGVYPSKPAKTTGFGTTEPAAPCGNEG
LFEVIKVGSNVSSLEAGDWVIPSHVNFGTWRTHALGNDDDFIKLPNPAQSKANGKPNGLTINQGATISVNPLTAYLMLTH
YVKLTPGKDWFIQNGGTSAVGKYASQIGKLLNFNSISVIRDRPNLDEVVASLKELGATQVITEDQNNSREFGPTIKEWIK
QSGGEAKLALNCVGGKSSTGIARKLNNNGLMLTYGGMSFQPVTIPTSLYIFKNFTSAGFWVTELLKNNKELKTSTLNQII
AWYEEGKLTDAKSIETLYDGTKPLHELYQDGVANSKDGKQLITY
;
_entity_poly.pdbx_strand_id   A,B
#
loop_
_chem_comp.id
_chem_comp.type
_chem_comp.name
_chem_comp.formula
GOL non-polymer GLYCEROL 'C3 H8 O3'
NDP non-polymer 'NADPH DIHYDRO-NICOTINAMIDE-ADENINE-DINUCLEOTIDE PHOSPHATE' 'C21 H30 N7 O17 P3'
SO4 non-polymer 'SULFATE ION' 'O4 S -2'
#
# COMPACT_ATOMS: atom_id res chain seq x y z
N MET A 1 39.68 33.48 16.78
CA MET A 1 38.93 32.48 17.58
C MET A 1 37.49 32.95 17.68
N ILE A 2 36.56 32.03 17.45
CA ILE A 2 35.14 32.35 17.53
C ILE A 2 34.49 31.53 18.62
N THR A 3 33.66 32.17 19.43
CA THR A 3 32.96 31.45 20.50
C THR A 3 31.54 31.15 20.01
N ALA A 4 31.22 29.86 19.88
CA ALA A 4 29.91 29.44 19.40
C ALA A 4 29.08 28.68 20.44
N GLN A 5 27.79 28.53 20.14
CA GLN A 5 26.87 27.80 21.02
C GLN A 5 26.21 26.70 20.19
N ALA A 6 26.10 25.50 20.77
CA ALA A 6 25.46 24.39 20.10
C ALA A 6 24.46 23.72 21.06
N VAL A 7 23.31 23.32 20.53
CA VAL A 7 22.27 22.64 21.30
C VAL A 7 22.60 21.14 21.20
N LEU A 8 22.90 20.53 22.35
CA LEU A 8 23.30 19.12 22.39
C LEU A 8 22.48 18.28 23.39
N TYR A 9 22.74 16.98 23.39
CA TYR A 9 22.13 16.03 24.34
C TYR A 9 23.07 14.83 24.46
N THR A 10 23.25 14.33 25.69
CA THR A 10 24.13 13.19 25.93
C THR A 10 23.34 11.89 25.83
N GLN A 11 22.01 11.99 25.85
CA GLN A 11 21.17 10.81 25.70
C GLN A 11 19.80 11.21 25.15
N HIS A 12 19.17 10.28 24.45
CA HIS A 12 17.87 10.54 23.87
C HIS A 12 16.81 10.72 24.96
N GLY A 13 15.75 11.45 24.63
CA GLY A 13 14.68 11.71 25.56
C GLY A 13 13.88 12.86 24.98
N GLU A 14 12.96 13.42 25.76
CA GLU A 14 12.17 14.55 25.28
C GLU A 14 13.04 15.82 25.25
N PRO A 15 12.90 16.62 24.18
CA PRO A 15 13.65 17.86 24.03
C PRO A 15 13.57 18.70 25.28
N LYS A 16 12.39 18.77 25.87
CA LYS A 16 12.20 19.55 27.09
C LYS A 16 13.08 19.08 28.24
N ASP A 17 13.49 17.81 28.22
CA ASP A 17 14.33 17.26 29.29
C ASP A 17 15.82 17.11 29.01
N VAL A 18 16.17 16.72 27.80
CA VAL A 18 17.58 16.44 27.52
C VAL A 18 18.49 17.45 26.82
N LEU A 19 17.93 18.52 26.28
CA LEU A 19 18.75 19.50 25.59
C LEU A 19 19.49 20.47 26.50
N PHE A 20 20.66 20.91 26.02
CA PHE A 20 21.46 21.90 26.74
C PHE A 20 22.31 22.67 25.75
N THR A 21 22.81 23.81 26.18
CA THR A 21 23.65 24.65 25.34
C THR A 21 25.11 24.46 25.74
N GLN A 22 25.94 24.16 24.75
CA GLN A 22 27.36 23.96 24.99
C GLN A 22 28.15 25.03 24.25
N SER A 23 28.93 25.79 25.00
CA SER A 23 29.78 26.83 24.46
C SER A 23 31.01 26.14 23.89
N PHE A 24 31.49 26.56 22.72
CA PHE A 24 32.69 25.95 22.13
C PHE A 24 33.42 26.93 21.21
N GLU A 25 34.72 26.70 21.04
CA GLU A 25 35.56 27.57 20.23
C GLU A 25 35.92 27.03 18.88
N ILE A 26 35.87 27.91 17.88
CA ILE A 26 36.22 27.52 16.53
C ILE A 26 37.41 28.38 16.15
N ASP A 27 38.51 27.73 15.76
CA ASP A 27 39.72 28.46 15.41
C ASP A 27 39.70 28.92 13.95
N ASP A 28 39.21 30.12 13.72
CA ASP A 28 39.13 30.66 12.37
C ASP A 28 40.49 31.06 11.78
N ASP A 29 41.56 30.90 12.55
CA ASP A 29 42.89 31.23 12.03
C ASP A 29 43.65 29.99 11.59
N ASN A 30 43.06 28.82 11.82
CA ASN A 30 43.74 27.59 11.44
C ASN A 30 42.85 26.55 10.78
N LEU A 31 42.13 26.99 9.76
CA LEU A 31 41.26 26.12 8.99
C LEU A 31 42.08 25.22 8.09
N ALA A 32 41.71 23.93 8.02
CA ALA A 32 42.41 23.03 7.11
C ALA A 32 42.06 23.58 5.71
N PRO A 33 42.87 23.23 4.69
CA PRO A 33 42.67 23.68 3.31
C PRO A 33 41.26 23.54 2.72
N ASN A 34 40.52 22.50 3.10
CA ASN A 34 39.17 22.30 2.58
C ASN A 34 38.05 22.63 3.56
N GLU A 35 38.40 23.24 4.69
CA GLU A 35 37.39 23.57 5.69
C GLU A 35 36.72 24.90 5.47
N VAL A 36 35.57 25.06 6.11
CA VAL A 36 34.77 26.26 6.00
C VAL A 36 34.11 26.54 7.34
N ILE A 37 33.96 27.81 7.68
CA ILE A 37 33.29 28.20 8.89
C ILE A 37 32.04 28.94 8.42
N VAL A 38 30.90 28.53 8.93
CA VAL A 38 29.64 29.16 8.58
C VAL A 38 28.99 29.66 9.86
N LYS A 39 28.14 30.67 9.71
CA LYS A 39 27.41 31.27 10.80
C LYS A 39 25.93 31.06 10.49
N THR A 40 25.21 30.42 11.40
CA THR A 40 23.79 30.15 11.18
C THR A 40 22.95 31.44 11.07
N LEU A 41 22.08 31.48 10.07
CA LEU A 41 21.18 32.60 9.86
C LEU A 41 19.82 32.20 10.42
N GLY A 42 19.49 30.92 10.30
CA GLY A 42 18.23 30.43 10.82
C GLY A 42 18.05 28.94 10.58
N SER A 43 17.44 28.25 11.52
CA SER A 43 17.18 26.83 11.35
C SER A 43 15.83 26.53 11.98
N PRO A 44 15.01 25.70 11.32
CA PRO A 44 13.69 25.40 11.89
C PRO A 44 13.62 24.19 12.81
N VAL A 45 12.46 24.07 13.44
CA VAL A 45 12.16 22.94 14.30
C VAL A 45 11.16 22.11 13.51
N ASN A 46 11.58 20.94 13.03
CA ASN A 46 10.69 20.06 12.27
C ASN A 46 10.38 18.84 13.12
N PRO A 47 9.23 18.19 12.88
CA PRO A 47 8.84 17.01 13.64
C PRO A 47 9.95 15.94 13.64
N SER A 48 10.61 15.75 12.50
CA SER A 48 11.69 14.75 12.45
C SER A 48 12.89 15.13 13.35
N ASP A 49 13.14 16.42 13.54
CA ASP A 49 14.26 16.81 14.42
C ASP A 49 13.93 16.36 15.84
N ILE A 50 12.67 16.52 16.22
CA ILE A 50 12.20 16.15 17.55
C ILE A 50 12.30 14.62 17.70
N ASN A 51 11.70 13.88 16.77
CA ASN A 51 11.74 12.42 16.84
C ASN A 51 13.18 11.92 16.91
N GLN A 52 14.09 12.61 16.23
CA GLN A 52 15.50 12.22 16.24
C GLN A 52 16.05 12.33 17.67
N ILE A 53 15.76 13.45 18.33
CA ILE A 53 16.21 13.68 19.71
C ILE A 53 15.57 12.65 20.64
N GLN A 54 14.30 12.33 20.39
CA GLN A 54 13.57 11.36 21.21
C GLN A 54 14.13 9.95 21.02
N GLY A 55 14.90 9.73 19.97
CA GLY A 55 15.44 8.40 19.75
C GLY A 55 14.51 7.47 19.00
N VAL A 56 13.47 8.00 18.37
CA VAL A 56 12.56 7.15 17.60
C VAL A 56 12.62 7.45 16.10
N TYR A 57 13.77 7.94 15.65
CA TYR A 57 13.96 8.28 14.24
C TYR A 57 15.27 7.60 13.83
N PRO A 58 15.18 6.61 12.92
CA PRO A 58 16.32 5.84 12.42
C PRO A 58 17.36 6.54 11.55
N SER A 59 17.74 7.74 11.95
CA SER A 59 18.75 8.50 11.22
C SER A 59 19.18 9.59 12.15
N LYS A 60 20.41 9.49 12.65
CA LYS A 60 20.90 10.45 13.60
C LYS A 60 22.41 10.65 13.61
N PRO A 61 22.84 11.82 14.08
CA PRO A 61 24.26 12.12 14.14
C PRO A 61 24.89 11.30 15.26
N ALA A 62 26.17 10.97 15.11
CA ALA A 62 26.88 10.23 16.15
C ALA A 62 27.12 11.15 17.36
N LYS A 63 27.22 10.55 18.54
CA LYS A 63 27.52 11.33 19.74
C LYS A 63 29.05 11.40 19.83
N THR A 64 29.61 12.56 20.13
CA THR A 64 31.07 12.65 20.25
C THR A 64 31.42 13.70 21.27
N THR A 65 32.68 13.73 21.67
CA THR A 65 33.13 14.72 22.63
C THR A 65 33.64 15.94 21.87
N GLY A 66 33.41 15.95 20.57
CA GLY A 66 33.85 17.04 19.72
C GLY A 66 33.56 18.46 20.15
N PHE A 67 32.42 18.71 20.80
CA PHE A 67 32.12 20.08 21.21
C PHE A 67 32.73 20.39 22.58
N GLY A 68 33.60 19.50 23.05
CA GLY A 68 34.23 19.74 24.34
C GLY A 68 33.49 19.28 25.58
N THR A 69 32.55 18.37 25.43
CA THR A 69 31.82 17.87 26.59
C THR A 69 32.57 16.65 27.13
N THR A 70 32.37 16.34 28.40
CA THR A 70 33.04 15.19 28.99
C THR A 70 32.43 13.91 28.43
N GLU A 71 31.10 13.87 28.36
CA GLU A 71 30.43 12.69 27.80
C GLU A 71 30.12 12.94 26.33
N PRO A 72 30.04 11.87 25.53
CA PRO A 72 29.74 12.01 24.10
C PRO A 72 28.38 12.69 23.98
N ALA A 73 28.25 13.64 23.07
CA ALA A 73 26.97 14.34 22.89
C ALA A 73 26.68 14.51 21.42
N ALA A 74 25.40 14.54 21.08
CA ALA A 74 25.01 14.71 19.69
C ALA A 74 24.39 16.09 19.49
N PRO A 75 24.57 16.67 18.28
CA PRO A 75 24.00 17.98 17.98
C PRO A 75 22.55 17.74 17.52
N CYS A 76 21.82 18.81 17.21
CA CYS A 76 20.41 18.71 16.81
C CYS A 76 20.06 19.52 15.56
N GLY A 77 18.92 19.20 14.95
CA GLY A 77 18.47 19.90 13.75
C GLY A 77 19.15 19.35 12.50
N ASN A 78 18.36 19.14 11.44
CA ASN A 78 18.87 18.59 10.21
C ASN A 78 18.90 19.56 9.03
N GLU A 79 18.21 20.69 9.13
CA GLU A 79 18.23 21.66 8.04
C GLU A 79 18.35 23.07 8.58
N GLY A 80 18.79 23.98 7.73
CA GLY A 80 18.96 25.35 8.14
C GLY A 80 19.77 26.08 7.11
N LEU A 81 19.80 27.39 7.26
CA LEU A 81 20.50 28.28 6.35
C LEU A 81 21.66 28.92 7.10
N PHE A 82 22.84 28.93 6.47
CA PHE A 82 24.02 29.50 7.10
C PHE A 82 24.69 30.47 6.16
N GLU A 83 25.47 31.38 6.74
CA GLU A 83 26.23 32.33 5.98
C GLU A 83 27.71 31.95 6.13
N VAL A 84 28.42 31.78 5.03
CA VAL A 84 29.83 31.42 5.09
C VAL A 84 30.68 32.57 5.64
N ILE A 85 31.50 32.25 6.64
CA ILE A 85 32.36 33.25 7.26
C ILE A 85 33.78 33.22 6.73
N LYS A 86 34.31 32.03 6.51
CA LYS A 86 35.67 31.90 6.01
C LYS A 86 35.91 30.53 5.38
N VAL A 87 36.74 30.50 4.35
CA VAL A 87 37.04 29.25 3.67
C VAL A 87 38.54 28.98 3.75
N GLY A 88 38.89 27.70 3.72
CA GLY A 88 40.29 27.33 3.77
C GLY A 88 40.97 27.65 2.45
N SER A 89 42.29 27.47 2.42
CA SER A 89 43.11 27.76 1.24
C SER A 89 42.77 27.00 -0.03
N ASN A 90 42.22 25.81 0.07
CA ASN A 90 41.90 25.07 -1.13
C ASN A 90 40.41 25.09 -1.49
N VAL A 91 39.63 25.94 -0.82
CA VAL A 91 38.19 26.00 -1.15
C VAL A 91 37.84 26.94 -2.30
N SER A 92 37.18 26.39 -3.32
CA SER A 92 36.77 27.22 -4.46
C SER A 92 35.24 27.17 -4.67
N SER A 93 34.56 26.14 -4.17
CA SER A 93 33.11 26.05 -4.35
C SER A 93 32.36 27.08 -3.53
N LEU A 94 33.00 27.64 -2.51
CA LEU A 94 32.35 28.62 -1.66
C LEU A 94 33.26 29.76 -1.28
N GLU A 95 32.66 30.87 -0.89
CA GLU A 95 33.43 32.01 -0.44
C GLU A 95 32.66 32.80 0.59
N ALA A 96 33.36 33.70 1.27
CA ALA A 96 32.75 34.53 2.29
C ALA A 96 31.43 35.14 1.81
N GLY A 97 30.42 35.14 2.67
CA GLY A 97 29.14 35.73 2.32
C GLY A 97 28.09 34.84 1.68
N ASP A 98 28.53 33.71 1.11
CA ASP A 98 27.63 32.79 0.47
C ASP A 98 26.58 32.21 1.43
N TRP A 99 25.42 31.89 0.89
CA TRP A 99 24.36 31.27 1.67
C TRP A 99 24.44 29.77 1.34
N VAL A 100 24.40 28.93 2.37
CA VAL A 100 24.45 27.48 2.19
C VAL A 100 23.53 26.75 3.14
N ILE A 101 23.20 25.52 2.78
CA ILE A 101 22.39 24.62 3.59
C ILE A 101 23.29 23.37 3.66
N PRO A 102 23.07 22.49 4.65
CA PRO A 102 23.87 21.26 4.77
C PRO A 102 23.67 20.44 3.50
N SER A 103 24.70 19.72 3.06
CA SER A 103 24.52 18.87 1.87
C SER A 103 23.94 17.53 2.29
N HIS A 104 23.95 17.25 3.60
CA HIS A 104 23.44 15.98 4.11
C HIS A 104 22.75 16.17 5.44
N VAL A 105 21.94 15.18 5.81
CA VAL A 105 21.19 15.21 7.06
C VAL A 105 22.18 14.92 8.18
N ASN A 106 21.74 15.11 9.42
CA ASN A 106 22.56 14.84 10.60
C ASN A 106 23.76 15.76 10.81
N PHE A 107 23.76 16.95 10.22
CA PHE A 107 24.89 17.86 10.42
C PHE A 107 24.77 18.62 11.75
N GLY A 108 23.54 18.85 12.16
CA GLY A 108 23.31 19.60 13.40
C GLY A 108 23.19 21.05 12.96
N THR A 109 21.98 21.59 13.00
CA THR A 109 21.76 22.97 12.57
C THR A 109 21.24 23.89 13.67
N TRP A 110 21.01 23.33 14.85
CA TRP A 110 20.56 24.12 15.98
C TRP A 110 21.82 24.57 16.73
N ARG A 111 22.42 25.65 16.24
CA ARG A 111 23.64 26.20 16.84
C ARG A 111 23.99 27.52 16.16
N THR A 112 24.94 28.27 16.71
CA THR A 112 25.32 29.56 16.14
C THR A 112 26.33 29.48 15.01
N HIS A 113 27.18 28.45 15.04
CA HIS A 113 28.21 28.32 14.01
C HIS A 113 28.55 26.87 13.81
N ALA A 114 29.33 26.60 12.77
CA ALA A 114 29.78 25.25 12.50
C ALA A 114 31.05 25.29 11.66
N LEU A 115 31.92 24.30 11.91
CA LEU A 115 33.17 24.12 11.18
C LEU A 115 32.93 22.84 10.41
N GLY A 116 33.20 22.84 9.11
CA GLY A 116 32.99 21.62 8.35
C GLY A 116 33.82 21.71 7.09
N ASN A 117 33.61 20.77 6.16
CA ASN A 117 34.34 20.78 4.89
C ASN A 117 33.45 21.49 3.88
N ASP A 118 34.04 21.97 2.81
CA ASP A 118 33.24 22.64 1.80
C ASP A 118 32.17 21.70 1.26
N ASP A 119 32.47 20.40 1.17
CA ASP A 119 31.48 19.49 0.63
C ASP A 119 30.36 19.12 1.61
N ASP A 120 30.38 19.70 2.81
CA ASP A 120 29.29 19.45 3.76
C ASP A 120 28.16 20.42 3.49
N PHE A 121 28.37 21.32 2.53
CA PHE A 121 27.35 22.31 2.24
C PHE A 121 26.94 22.44 0.78
N ILE A 122 25.75 22.98 0.58
CA ILE A 122 25.25 23.23 -0.77
C ILE A 122 24.96 24.72 -0.83
N LYS A 123 25.46 25.36 -1.87
CA LYS A 123 25.29 26.79 -2.04
C LYS A 123 23.94 27.15 -2.66
N LEU A 124 23.28 28.15 -2.09
CA LEU A 124 22.02 28.65 -2.62
C LEU A 124 22.36 30.06 -3.05
N PRO A 125 21.66 30.60 -4.07
CA PRO A 125 22.03 31.97 -4.42
C PRO A 125 21.52 32.88 -3.31
N ASN A 126 22.31 33.83 -2.85
CA ASN A 126 21.83 34.71 -1.81
C ASN A 126 21.22 35.91 -2.53
N PRO A 127 20.51 36.79 -1.80
CA PRO A 127 19.88 37.96 -2.43
C PRO A 127 20.80 38.84 -3.30
N ALA A 128 22.01 39.11 -2.81
CA ALA A 128 22.95 39.92 -3.57
C ALA A 128 23.25 39.29 -4.93
N GLN A 129 23.41 37.98 -4.92
CA GLN A 129 23.70 37.25 -6.13
C GLN A 129 22.47 37.14 -7.05
N SER A 130 21.29 36.94 -6.47
CA SER A 130 20.10 36.84 -7.32
C SER A 130 19.93 38.18 -8.07
N LYS A 131 20.10 39.29 -7.36
CA LYS A 131 19.97 40.60 -8.02
C LYS A 131 21.01 40.80 -9.09
N ALA A 132 22.25 40.44 -8.79
CA ALA A 132 23.32 40.60 -9.77
C ALA A 132 23.10 39.68 -10.97
N ASN A 133 22.36 38.59 -10.78
CA ASN A 133 22.09 37.67 -11.89
C ASN A 133 20.82 38.09 -12.63
N GLY A 134 20.27 39.24 -12.25
CA GLY A 134 19.09 39.74 -12.92
C GLY A 134 17.79 39.05 -12.58
N LYS A 135 17.74 38.37 -11.45
CA LYS A 135 16.53 37.66 -11.03
C LYS A 135 15.56 38.63 -10.37
N PRO A 136 14.25 38.44 -10.61
CA PRO A 136 13.17 39.27 -10.06
C PRO A 136 13.14 39.32 -8.51
N ASN A 137 13.47 38.20 -7.87
CA ASN A 137 13.45 38.11 -6.40
C ASN A 137 14.63 37.33 -5.85
N GLY A 138 14.85 37.47 -4.56
CA GLY A 138 15.91 36.74 -3.88
C GLY A 138 15.28 36.01 -2.70
N LEU A 139 15.92 34.94 -2.27
CA LEU A 139 15.42 34.14 -1.15
C LEU A 139 15.38 34.91 0.15
N THR A 140 14.42 34.58 1.00
CA THR A 140 14.37 35.19 2.32
C THR A 140 15.08 34.19 3.24
N ILE A 141 15.35 34.61 4.47
CA ILE A 141 16.01 33.75 5.43
C ILE A 141 15.18 32.46 5.63
N ASN A 142 13.90 32.63 5.92
CA ASN A 142 13.04 31.47 6.14
C ASN A 142 12.95 30.56 4.92
N GLN A 143 12.91 31.15 3.73
CA GLN A 143 12.83 30.35 2.53
C GLN A 143 14.07 29.49 2.37
N GLY A 144 15.23 30.08 2.67
CA GLY A 144 16.47 29.34 2.56
C GLY A 144 16.59 28.29 3.66
N ALA A 145 16.17 28.67 4.86
CA ALA A 145 16.27 27.77 6.00
C ALA A 145 15.32 26.55 5.98
N THR A 146 14.26 26.61 5.19
CA THR A 146 13.30 25.51 5.14
C THR A 146 13.20 24.94 3.73
N ILE A 147 14.20 25.22 2.89
CA ILE A 147 14.14 24.75 1.52
C ILE A 147 14.49 23.26 1.33
N SER A 148 15.18 22.67 2.31
CA SER A 148 15.65 21.29 2.21
C SER A 148 14.69 20.17 2.44
N VAL A 149 13.77 20.34 3.38
CA VAL A 149 12.87 19.26 3.70
C VAL A 149 11.47 19.31 3.10
N ASN A 150 10.68 20.29 3.51
CA ASN A 150 9.31 20.35 3.05
C ASN A 150 9.04 20.60 1.58
N PRO A 151 9.71 21.59 0.97
CA PRO A 151 9.45 21.83 -0.45
C PRO A 151 9.83 20.63 -1.33
N LEU A 152 10.98 20.01 -1.04
CA LEU A 152 11.40 18.86 -1.86
C LEU A 152 10.44 17.67 -1.62
N THR A 153 9.98 17.53 -0.39
CA THR A 153 9.04 16.46 -0.05
C THR A 153 7.79 16.61 -0.93
N ALA A 154 7.17 17.78 -0.89
CA ALA A 154 5.99 18.05 -1.69
C ALA A 154 6.26 17.83 -3.19
N TYR A 155 7.37 18.35 -3.67
CA TYR A 155 7.67 18.20 -5.09
C TYR A 155 7.84 16.76 -5.51
N LEU A 156 8.70 16.03 -4.80
CA LEU A 156 8.94 14.64 -5.16
C LEU A 156 7.70 13.74 -5.01
N MET A 157 6.93 13.90 -3.94
CA MET A 157 5.73 13.06 -3.78
C MET A 157 4.76 13.27 -4.94
N LEU A 158 4.65 14.51 -5.42
CA LEU A 158 3.72 14.81 -6.50
C LEU A 158 4.20 14.46 -7.91
N THR A 159 5.51 14.35 -8.11
CA THR A 159 6.04 14.06 -9.45
C THR A 159 6.82 12.76 -9.63
N HIS A 160 7.34 12.20 -8.54
CA HIS A 160 8.19 11.01 -8.65
C HIS A 160 7.49 9.66 -8.63
N TYR A 161 6.20 9.61 -8.30
CA TYR A 161 5.56 8.30 -8.21
C TYR A 161 4.47 7.94 -9.21
N VAL A 162 3.57 8.87 -9.49
CA VAL A 162 2.52 8.60 -10.44
C VAL A 162 2.38 9.85 -11.26
N LYS A 163 2.22 9.68 -12.56
CA LYS A 163 2.10 10.83 -13.46
C LYS A 163 0.68 11.35 -13.52
N LEU A 164 0.48 12.59 -13.09
CA LEU A 164 -0.84 13.22 -13.12
C LEU A 164 -0.93 14.05 -14.41
N THR A 165 -1.99 13.86 -15.20
CA THR A 165 -2.14 14.61 -16.43
C THR A 165 -2.50 16.06 -16.14
N PRO A 166 -1.66 17.01 -16.59
CA PRO A 166 -1.91 18.44 -16.36
C PRO A 166 -3.30 18.83 -16.87
N GLY A 167 -3.99 19.68 -16.11
CA GLY A 167 -5.31 20.12 -16.51
C GLY A 167 -6.41 19.10 -16.27
N LYS A 168 -6.08 17.92 -15.77
CA LYS A 168 -7.13 16.91 -15.55
C LYS A 168 -7.09 16.18 -14.22
N ASP A 169 -6.00 15.45 -13.97
CA ASP A 169 -5.90 14.66 -12.76
C ASP A 169 -5.78 15.36 -11.42
N TRP A 170 -6.06 14.62 -10.36
CA TRP A 170 -6.07 15.14 -9.01
C TRP A 170 -5.23 14.36 -8.02
N PHE A 171 -4.88 15.03 -6.93
CA PHE A 171 -4.23 14.40 -5.79
C PHE A 171 -5.06 14.93 -4.62
N ILE A 172 -5.16 14.15 -3.55
CA ILE A 172 -5.90 14.62 -2.39
C ILE A 172 -4.92 14.50 -1.24
N GLN A 173 -4.96 15.44 -0.31
CA GLN A 173 -4.03 15.38 0.81
C GLN A 173 -4.67 15.83 2.10
N ASN A 174 -4.31 15.21 3.22
CA ASN A 174 -4.82 15.68 4.51
C ASN A 174 -3.67 16.55 5.04
N GLY A 175 -3.77 17.07 6.26
CA GLY A 175 -2.72 17.94 6.74
C GLY A 175 -2.62 19.18 5.83
N GLY A 176 -3.76 19.59 5.27
CA GLY A 176 -3.78 20.72 4.34
C GLY A 176 -3.16 22.04 4.77
N THR A 177 -3.14 22.30 6.08
CA THR A 177 -2.55 23.52 6.64
C THR A 177 -1.08 23.32 7.00
N SER A 178 -0.57 22.11 6.82
CA SER A 178 0.84 21.86 7.15
C SER A 178 1.74 22.58 6.13
N ALA A 179 2.97 22.87 6.54
CA ALA A 179 3.93 23.50 5.63
C ALA A 179 4.02 22.64 4.37
N VAL A 180 4.21 21.33 4.54
CA VAL A 180 4.29 20.44 3.37
C VAL A 180 2.99 20.58 2.55
N GLY A 181 1.84 20.57 3.23
CA GLY A 181 0.58 20.70 2.53
C GLY A 181 0.52 21.99 1.75
N LYS A 182 0.98 23.10 2.34
CA LYS A 182 0.96 24.36 1.62
C LYS A 182 1.90 24.36 0.41
N TYR A 183 3.05 23.69 0.53
CA TYR A 183 3.95 23.60 -0.61
C TYR A 183 3.31 22.74 -1.69
N ALA A 184 2.65 21.64 -1.30
CA ALA A 184 2.00 20.74 -2.28
C ALA A 184 0.94 21.49 -3.10
N SER A 185 0.14 22.30 -2.41
CA SER A 185 -0.90 23.08 -3.07
C SER A 185 -0.34 23.99 -4.15
N GLN A 186 0.73 24.72 -3.82
CA GLN A 186 1.35 25.63 -4.77
C GLN A 186 1.93 24.85 -5.93
N ILE A 187 2.71 23.83 -5.63
CA ILE A 187 3.32 23.02 -6.69
C ILE A 187 2.23 22.45 -7.58
N GLY A 188 1.10 22.08 -6.98
CA GLY A 188 -0.01 21.57 -7.76
C GLY A 188 -0.47 22.65 -8.71
N LYS A 189 -0.65 23.87 -8.21
CA LYS A 189 -1.07 25.01 -9.04
C LYS A 189 -0.04 25.23 -10.18
N LEU A 190 1.24 25.26 -9.84
CA LEU A 190 2.30 25.47 -10.83
C LEU A 190 2.38 24.39 -11.90
N LEU A 191 2.10 23.15 -11.51
CA LEU A 191 2.15 22.06 -12.48
C LEU A 191 0.78 21.80 -13.12
N ASN A 192 -0.22 22.56 -12.69
CA ASN A 192 -1.58 22.45 -13.18
C ASN A 192 -2.26 21.12 -12.83
N PHE A 193 -2.11 20.70 -11.59
CA PHE A 193 -2.75 19.50 -11.10
C PHE A 193 -3.93 19.99 -10.28
N ASN A 194 -5.06 19.28 -10.32
CA ASN A 194 -6.17 19.70 -9.47
C ASN A 194 -5.91 19.04 -8.12
N SER A 195 -6.50 19.57 -7.06
CA SER A 195 -6.28 18.96 -5.75
C SER A 195 -7.33 19.27 -4.70
N ILE A 196 -7.48 18.35 -3.78
CA ILE A 196 -8.41 18.51 -2.66
C ILE A 196 -7.56 18.52 -1.39
N SER A 197 -7.69 19.57 -0.58
CA SER A 197 -6.95 19.60 0.67
C SER A 197 -7.94 19.31 1.79
N VAL A 198 -7.57 18.44 2.71
CA VAL A 198 -8.44 18.15 3.85
C VAL A 198 -7.80 18.76 5.08
N ILE A 199 -8.60 19.47 5.88
CA ILE A 199 -8.10 20.10 7.08
C ILE A 199 -9.09 19.93 8.24
N ARG A 200 -8.64 20.23 9.44
CA ARG A 200 -9.52 20.15 10.60
C ARG A 200 -10.34 21.42 10.61
N ASP A 201 -11.56 21.32 11.10
CA ASP A 201 -12.44 22.46 11.17
C ASP A 201 -11.90 23.46 12.19
N ARG A 202 -12.29 24.74 12.03
CA ARG A 202 -11.87 25.83 12.91
C ARG A 202 -12.86 27.00 12.77
N PRO A 203 -12.92 27.89 13.76
CA PRO A 203 -13.84 29.03 13.69
C PRO A 203 -13.61 29.90 12.44
N ASN A 204 -12.35 30.04 12.04
CA ASN A 204 -12.01 30.83 10.87
C ASN A 204 -11.90 29.95 9.63
N LEU A 205 -12.74 28.93 9.53
CA LEU A 205 -12.69 28.02 8.38
C LEU A 205 -12.66 28.72 7.03
N ASP A 206 -13.56 29.68 6.83
CA ASP A 206 -13.67 30.40 5.55
C ASP A 206 -12.39 31.09 5.14
N GLU A 207 -11.74 31.72 6.10
CA GLU A 207 -10.49 32.41 5.87
C GLU A 207 -9.38 31.45 5.46
N VAL A 208 -9.28 30.32 6.16
CA VAL A 208 -8.24 29.35 5.83
C VAL A 208 -8.54 28.74 4.46
N VAL A 209 -9.82 28.48 4.19
CA VAL A 209 -10.24 27.93 2.92
C VAL A 209 -9.79 28.82 1.77
N ALA A 210 -10.06 30.13 1.89
CA ALA A 210 -9.68 31.07 0.83
C ALA A 210 -8.17 31.13 0.71
N SER A 211 -7.50 31.08 1.86
CA SER A 211 -6.05 31.14 1.85
C SER A 211 -5.44 29.93 1.12
N LEU A 212 -5.91 28.74 1.44
CA LEU A 212 -5.39 27.56 0.79
C LEU A 212 -5.73 27.56 -0.71
N LYS A 213 -6.88 28.10 -1.09
CA LYS A 213 -7.22 28.14 -2.51
C LYS A 213 -6.32 29.13 -3.24
N GLU A 214 -5.96 30.23 -2.55
CA GLU A 214 -5.05 31.22 -3.13
C GLU A 214 -3.73 30.52 -3.40
N LEU A 215 -3.30 29.68 -2.47
CA LEU A 215 -2.03 28.96 -2.64
C LEU A 215 -2.11 27.97 -3.81
N GLY A 216 -3.27 27.35 -4.02
CA GLY A 216 -3.39 26.41 -5.13
C GLY A 216 -4.32 25.22 -4.98
N ALA A 217 -4.89 25.00 -3.79
CA ALA A 217 -5.82 23.87 -3.64
C ALA A 217 -7.07 24.16 -4.49
N THR A 218 -7.58 23.17 -5.22
CA THR A 218 -8.79 23.41 -6.02
C THR A 218 -10.01 23.41 -5.10
N GLN A 219 -10.01 22.50 -4.13
CA GLN A 219 -11.10 22.37 -3.18
C GLN A 219 -10.54 22.11 -1.80
N VAL A 220 -11.21 22.62 -0.77
CA VAL A 220 -10.78 22.44 0.60
C VAL A 220 -11.97 21.92 1.38
N ILE A 221 -11.82 20.80 2.08
CA ILE A 221 -12.91 20.24 2.87
C ILE A 221 -12.40 19.97 4.27
N THR A 222 -13.31 19.81 5.23
CA THR A 222 -12.93 19.52 6.59
C THR A 222 -12.89 17.99 6.78
N GLU A 223 -12.31 17.53 7.88
CA GLU A 223 -12.25 16.08 8.15
C GLU A 223 -13.69 15.55 8.27
N ASP A 224 -14.61 16.35 8.83
CA ASP A 224 -15.99 15.90 8.95
C ASP A 224 -16.56 15.63 7.55
N GLN A 225 -16.23 16.48 6.59
CA GLN A 225 -16.71 16.25 5.24
C GLN A 225 -16.00 15.04 4.66
N ASN A 226 -14.73 14.88 5.03
CA ASN A 226 -13.92 13.73 4.57
C ASN A 226 -14.57 12.43 5.06
N ASN A 227 -15.14 12.45 6.27
CA ASN A 227 -15.78 11.27 6.86
C ASN A 227 -17.23 11.05 6.42
N SER A 228 -17.87 12.09 5.90
CA SER A 228 -19.29 12.02 5.53
C SER A 228 -19.71 11.16 4.37
N ARG A 229 -20.60 10.19 4.65
CA ARG A 229 -21.13 9.33 3.61
C ARG A 229 -21.94 10.19 2.64
N GLU A 230 -22.76 11.05 3.23
CA GLU A 230 -23.62 11.93 2.46
C GLU A 230 -22.91 12.94 1.56
N PHE A 231 -21.77 13.46 2.02
CA PHE A 231 -21.01 14.45 1.24
C PHE A 231 -20.18 13.79 0.13
N GLY A 232 -19.84 12.51 0.34
CA GLY A 232 -19.04 11.77 -0.62
C GLY A 232 -19.34 11.98 -2.11
N PRO A 233 -20.61 11.89 -2.55
CA PRO A 233 -20.94 12.08 -3.97
C PRO A 233 -20.54 13.45 -4.55
N THR A 234 -20.61 14.50 -3.74
CA THR A 234 -20.23 15.84 -4.19
C THR A 234 -18.73 15.86 -4.56
N ILE A 235 -17.91 15.20 -3.76
CA ILE A 235 -16.47 15.11 -4.03
C ILE A 235 -16.25 14.30 -5.32
N LYS A 236 -16.96 13.19 -5.45
CA LYS A 236 -16.82 12.39 -6.65
C LYS A 236 -17.19 13.19 -7.91
N GLU A 237 -18.16 14.10 -7.81
CA GLU A 237 -18.56 14.90 -8.98
C GLU A 237 -17.43 15.85 -9.39
N TRP A 238 -16.72 16.41 -8.42
CA TRP A 238 -15.61 17.30 -8.76
C TRP A 238 -14.61 16.60 -9.65
N ILE A 239 -14.27 15.38 -9.27
CA ILE A 239 -13.31 14.59 -10.02
C ILE A 239 -13.89 14.17 -11.37
N LYS A 240 -15.05 13.53 -11.35
CA LYS A 240 -15.69 13.07 -12.58
C LYS A 240 -15.92 14.22 -13.58
N GLN A 241 -16.43 15.35 -13.10
CA GLN A 241 -16.72 16.47 -13.98
C GLN A 241 -15.49 17.14 -14.57
N SER A 242 -14.33 16.95 -13.96
CA SER A 242 -13.09 17.56 -14.45
C SER A 242 -12.52 16.80 -15.65
N GLY A 243 -12.93 15.56 -15.84
CA GLY A 243 -12.40 14.77 -16.94
C GLY A 243 -11.15 13.97 -16.52
N GLY A 244 -10.66 14.22 -15.31
CA GLY A 244 -9.49 13.49 -14.85
C GLY A 244 -9.86 12.50 -13.75
N GLU A 245 -8.86 11.97 -13.06
CA GLU A 245 -9.11 11.03 -11.98
C GLU A 245 -8.25 11.36 -10.77
N ALA A 246 -8.71 10.97 -9.59
CA ALA A 246 -7.95 11.19 -8.37
C ALA A 246 -7.01 9.97 -8.31
N LYS A 247 -5.74 10.20 -8.66
CA LYS A 247 -4.75 9.14 -8.72
C LYS A 247 -3.77 9.04 -7.56
N LEU A 248 -3.69 10.10 -6.77
CA LEU A 248 -2.74 10.15 -5.69
C LEU A 248 -3.26 10.79 -4.41
N ALA A 249 -2.95 10.16 -3.27
CA ALA A 249 -3.34 10.68 -1.96
C ALA A 249 -2.06 10.90 -1.13
N LEU A 250 -1.96 12.04 -0.47
CA LEU A 250 -0.81 12.37 0.37
C LEU A 250 -1.28 12.35 1.82
N ASN A 251 -0.77 11.40 2.59
CA ASN A 251 -1.18 11.26 3.99
C ASN A 251 -0.12 11.57 5.02
N CYS A 252 -0.36 12.54 5.88
CA CYS A 252 0.59 12.83 6.95
C CYS A 252 -0.12 12.86 8.31
N VAL A 253 -1.34 12.30 8.34
CA VAL A 253 -2.13 12.28 9.57
C VAL A 253 -2.36 10.87 10.13
N GLY A 254 -2.73 9.91 9.27
CA GLY A 254 -2.99 8.56 9.73
C GLY A 254 -4.41 8.45 10.24
N GLY A 255 -4.74 7.33 10.87
CA GLY A 255 -6.08 7.16 11.40
C GLY A 255 -7.23 7.27 10.41
N LYS A 256 -8.36 7.76 10.90
CA LYS A 256 -9.57 7.91 10.12
C LYS A 256 -9.34 8.79 8.88
N SER A 257 -8.55 9.86 9.04
CA SER A 257 -8.25 10.77 7.95
C SER A 257 -7.61 10.04 6.76
N SER A 258 -6.65 9.17 7.04
CA SER A 258 -5.99 8.43 5.98
C SER A 258 -7.03 7.52 5.31
N THR A 259 -7.94 6.94 6.11
CA THR A 259 -8.95 6.07 5.52
C THR A 259 -9.82 6.91 4.57
N GLY A 260 -10.21 8.10 5.04
CA GLY A 260 -11.04 8.97 4.23
C GLY A 260 -10.46 9.41 2.89
N ILE A 261 -9.18 9.78 2.84
CA ILE A 261 -8.67 10.23 1.56
C ILE A 261 -8.46 9.04 0.61
N ALA A 262 -8.08 7.89 1.14
CA ALA A 262 -7.91 6.71 0.29
C ALA A 262 -9.22 6.37 -0.43
N ARG A 263 -10.32 6.48 0.27
CA ARG A 263 -11.62 6.17 -0.31
C ARG A 263 -12.00 7.16 -1.41
N LYS A 264 -11.32 8.30 -1.52
CA LYS A 264 -11.69 9.29 -2.53
C LYS A 264 -11.01 9.05 -3.87
N LEU A 265 -9.98 8.22 -3.87
CA LEU A 265 -9.24 7.96 -5.11
C LEU A 265 -10.02 7.07 -6.08
N ASN A 266 -9.68 7.17 -7.35
CA ASN A 266 -10.29 6.33 -8.37
C ASN A 266 -9.57 4.97 -8.25
N ASN A 267 -10.07 3.95 -8.96
CA ASN A 267 -9.44 2.62 -8.91
C ASN A 267 -7.98 2.79 -9.28
N ASN A 268 -7.13 1.89 -8.78
CA ASN A 268 -5.69 1.92 -9.07
C ASN A 268 -5.02 3.14 -8.45
N GLY A 269 -5.59 3.65 -7.37
CA GLY A 269 -5.02 4.83 -6.73
C GLY A 269 -3.81 4.52 -5.88
N LEU A 270 -2.99 5.52 -5.61
CA LEU A 270 -1.79 5.36 -4.79
C LEU A 270 -1.75 6.38 -3.66
N MET A 271 -1.50 5.90 -2.45
CA MET A 271 -1.37 6.78 -1.30
C MET A 271 0.06 6.73 -0.80
N LEU A 272 0.63 7.91 -0.56
CA LEU A 272 1.98 8.02 -0.02
C LEU A 272 1.84 8.52 1.41
N THR A 273 2.27 7.70 2.38
CA THR A 273 2.21 8.11 3.77
C THR A 273 3.61 8.69 4.08
N TYR A 274 3.63 9.95 4.54
CA TYR A 274 4.88 10.62 4.83
C TYR A 274 4.87 11.24 6.21
N GLY A 275 3.82 10.98 6.99
CA GLY A 275 3.75 11.54 8.33
C GLY A 275 2.59 10.90 9.05
N GLY A 276 2.57 11.02 10.38
CA GLY A 276 1.49 10.45 11.16
C GLY A 276 1.17 11.34 12.34
N MET A 277 0.78 12.58 12.05
CA MET A 277 0.49 13.56 13.11
C MET A 277 -0.55 13.13 14.15
N SER A 278 -1.45 12.21 13.82
CA SER A 278 -2.45 11.81 14.81
C SER A 278 -1.95 10.70 15.72
N PHE A 279 -0.82 10.11 15.36
CA PHE A 279 -0.21 8.99 16.10
C PHE A 279 -1.04 7.72 15.96
N GLN A 280 -1.99 7.75 15.04
CA GLN A 280 -2.85 6.61 14.75
C GLN A 280 -2.28 5.95 13.50
N PRO A 281 -2.35 4.61 13.42
CA PRO A 281 -1.83 3.88 12.27
C PRO A 281 -2.64 4.15 10.99
N VAL A 282 -2.14 3.69 9.86
CA VAL A 282 -2.87 3.88 8.60
C VAL A 282 -3.85 2.72 8.54
N THR A 283 -5.15 3.04 8.45
CA THR A 283 -6.17 2.01 8.41
C THR A 283 -6.90 2.05 7.08
N ILE A 284 -6.79 0.97 6.33
CA ILE A 284 -7.42 0.88 5.02
C ILE A 284 -8.36 -0.33 4.97
N PRO A 285 -9.64 -0.10 4.58
CA PRO A 285 -10.64 -1.16 4.47
C PRO A 285 -10.15 -2.17 3.45
N THR A 286 -10.31 -3.45 3.77
CA THR A 286 -9.88 -4.53 2.89
C THR A 286 -10.42 -4.33 1.49
N SER A 287 -11.67 -3.86 1.40
CA SER A 287 -12.34 -3.65 0.12
C SER A 287 -11.62 -2.70 -0.83
N LEU A 288 -10.95 -1.68 -0.31
CA LEU A 288 -10.23 -0.76 -1.18
C LEU A 288 -9.10 -1.48 -1.91
N TYR A 289 -8.39 -2.35 -1.21
CA TYR A 289 -7.30 -3.08 -1.85
C TYR A 289 -7.80 -4.05 -2.90
N ILE A 290 -8.84 -4.81 -2.57
CA ILE A 290 -9.34 -5.80 -3.52
C ILE A 290 -10.15 -5.26 -4.68
N PHE A 291 -11.27 -4.60 -4.39
CA PHE A 291 -12.16 -4.11 -5.45
C PHE A 291 -11.76 -2.80 -6.13
N LYS A 292 -10.93 -1.98 -5.48
CA LYS A 292 -10.51 -0.73 -6.11
C LYS A 292 -9.01 -0.70 -6.43
N ASN A 293 -8.37 -1.85 -6.25
CA ASN A 293 -6.94 -2.02 -6.53
C ASN A 293 -6.08 -0.89 -5.99
N PHE A 294 -6.40 -0.49 -4.76
CA PHE A 294 -5.71 0.58 -4.06
C PHE A 294 -4.31 0.14 -3.61
N THR A 295 -3.37 1.06 -3.59
CA THR A 295 -2.00 0.77 -3.14
C THR A 295 -1.60 1.82 -2.09
N SER A 296 -0.98 1.35 -1.02
CA SER A 296 -0.57 2.22 0.09
C SER A 296 0.94 2.07 0.25
N ALA A 297 1.68 3.17 0.12
CA ALA A 297 3.15 3.12 0.24
C ALA A 297 3.69 4.24 1.11
N GLY A 298 5.01 4.32 1.21
CA GLY A 298 5.61 5.33 2.04
C GLY A 298 6.54 6.28 1.31
N PHE A 299 6.86 7.37 1.98
CA PHE A 299 7.78 8.36 1.43
C PHE A 299 8.71 8.87 2.53
N TRP A 300 10.02 8.83 2.29
CA TRP A 300 10.99 9.34 3.25
C TRP A 300 12.02 10.11 2.43
N VAL A 301 11.94 11.42 2.47
CA VAL A 301 12.85 12.21 1.66
C VAL A 301 14.29 11.99 2.03
N THR A 302 14.59 11.83 3.31
CA THR A 302 15.97 11.61 3.71
C THR A 302 16.56 10.38 2.99
N GLU A 303 15.80 9.28 2.99
CA GLU A 303 16.25 8.05 2.35
C GLU A 303 16.23 8.14 0.83
N LEU A 304 15.22 8.78 0.25
CA LEU A 304 15.16 8.87 -1.20
C LEU A 304 16.37 9.59 -1.79
N LEU A 305 16.83 10.64 -1.12
CA LEU A 305 17.92 11.46 -1.64
C LEU A 305 19.33 11.25 -1.12
N LYS A 306 19.55 10.32 -0.19
CA LYS A 306 20.89 10.21 0.37
C LYS A 306 22.00 9.75 -0.55
N ASN A 307 21.64 9.03 -1.62
CA ASN A 307 22.61 8.56 -2.60
C ASN A 307 21.99 8.77 -3.98
N ASN A 308 21.59 10.01 -4.22
CA ASN A 308 20.98 10.40 -5.48
C ASN A 308 21.08 11.93 -5.52
N LYS A 309 22.30 12.45 -5.50
CA LYS A 309 22.52 13.90 -5.51
C LYS A 309 21.93 14.54 -6.74
N GLU A 310 21.80 13.75 -7.79
CA GLU A 310 21.25 14.21 -9.05
C GLU A 310 19.77 14.60 -8.89
N LEU A 311 18.98 13.69 -8.35
CA LEU A 311 17.56 13.95 -8.15
C LEU A 311 17.42 15.12 -7.16
N LYS A 312 18.26 15.12 -6.14
CA LYS A 312 18.22 16.17 -5.14
C LYS A 312 18.49 17.55 -5.74
N THR A 313 19.53 17.61 -6.58
CA THR A 313 19.95 18.87 -7.21
C THR A 313 18.90 19.43 -8.14
N SER A 314 18.35 18.54 -8.95
CA SER A 314 17.32 18.88 -9.91
C SER A 314 16.07 19.43 -9.19
N THR A 315 15.69 18.77 -8.10
CA THR A 315 14.53 19.19 -7.32
C THR A 315 14.80 20.51 -6.63
N LEU A 316 15.96 20.64 -6.02
CA LEU A 316 16.32 21.86 -5.33
C LEU A 316 16.39 23.06 -6.29
N ASN A 317 16.98 22.86 -7.48
CA ASN A 317 17.07 23.96 -8.45
C ASN A 317 15.68 24.44 -8.89
N GLN A 318 14.74 23.51 -9.02
CA GLN A 318 13.41 23.91 -9.43
C GLN A 318 12.77 24.80 -8.35
N ILE A 319 12.97 24.45 -7.08
CA ILE A 319 12.39 25.24 -5.99
C ILE A 319 13.04 26.61 -5.97
N ILE A 320 14.37 26.63 -6.07
CA ILE A 320 15.09 27.89 -6.07
C ILE A 320 14.64 28.77 -7.22
N ALA A 321 14.52 28.18 -8.40
CA ALA A 321 14.10 28.96 -9.56
C ALA A 321 12.73 29.59 -9.36
N TRP A 322 11.78 28.81 -8.82
CA TRP A 322 10.44 29.32 -8.58
C TRP A 322 10.47 30.42 -7.54
N TYR A 323 11.35 30.28 -6.55
CA TYR A 323 11.47 31.32 -5.54
C TYR A 323 12.02 32.59 -6.21
N GLU A 324 13.08 32.45 -7.02
CA GLU A 324 13.66 33.62 -7.71
C GLU A 324 12.71 34.27 -8.70
N GLU A 325 11.85 33.47 -9.33
CA GLU A 325 10.88 33.98 -10.31
C GLU A 325 9.63 34.55 -9.63
N GLY A 326 9.59 34.44 -8.30
CA GLY A 326 8.44 34.92 -7.56
C GLY A 326 7.22 34.05 -7.75
N LYS A 327 7.40 32.81 -8.18
CA LYS A 327 6.28 31.90 -8.42
C LYS A 327 5.90 30.99 -7.26
N LEU A 328 6.74 30.97 -6.22
CA LEU A 328 6.47 30.14 -5.05
C LEU A 328 6.69 30.95 -3.78
N THR A 329 5.83 30.76 -2.79
CA THR A 329 6.03 31.45 -1.54
C THR A 329 6.27 30.41 -0.46
N ASP A 330 6.84 30.84 0.66
CA ASP A 330 7.13 29.93 1.72
C ASP A 330 6.00 29.69 2.72
N ALA A 331 6.01 28.50 3.31
CA ALA A 331 5.09 28.17 4.38
C ALA A 331 5.72 29.11 5.42
N LYS A 332 4.98 30.10 5.90
CA LYS A 332 5.57 31.04 6.86
C LYS A 332 5.89 30.43 8.21
N SER A 333 6.82 31.07 8.93
CA SER A 333 7.23 30.58 10.25
C SER A 333 7.16 31.61 11.39
N ILE A 334 7.01 31.11 12.60
CA ILE A 334 7.01 31.99 13.76
C ILE A 334 8.50 32.03 14.13
N GLU A 335 9.11 33.20 13.96
CA GLU A 335 10.53 33.38 14.21
C GLU A 335 10.90 33.86 15.60
N THR A 336 11.88 33.17 16.21
CA THR A 336 12.37 33.57 17.52
C THR A 336 13.87 33.88 17.34
N LEU A 337 14.26 35.14 17.56
CA LEU A 337 15.64 35.57 17.38
C LEU A 337 16.57 35.35 18.58
N TYR A 338 17.68 34.65 18.35
CA TYR A 338 18.64 34.43 19.41
C TYR A 338 19.53 35.67 19.53
N ASP A 339 19.64 36.23 20.73
CA ASP A 339 20.50 37.41 20.94
C ASP A 339 21.43 37.24 22.12
N GLY A 340 21.54 36.02 22.62
CA GLY A 340 22.42 35.76 23.74
C GLY A 340 21.86 36.07 25.13
N THR A 341 20.65 36.64 25.22
CA THR A 341 20.10 36.93 26.55
C THR A 341 19.37 35.73 27.13
N LYS A 342 19.02 34.78 26.27
CA LYS A 342 18.33 33.56 26.69
C LYS A 342 19.05 32.36 26.04
N PRO A 343 19.50 31.38 26.86
CA PRO A 343 20.21 30.21 26.33
C PRO A 343 19.59 29.65 25.05
N LEU A 344 20.44 29.38 24.07
CA LEU A 344 19.98 28.88 22.79
C LEU A 344 19.07 27.66 22.89
N HIS A 345 19.48 26.62 23.63
CA HIS A 345 18.65 25.43 23.72
C HIS A 345 17.22 25.72 24.23
N GLU A 346 17.07 26.75 25.05
CA GLU A 346 15.74 27.09 25.55
C GLU A 346 14.89 27.66 24.42
N LEU A 347 15.51 28.38 23.49
CA LEU A 347 14.71 28.91 22.37
C LEU A 347 14.19 27.73 21.57
N TYR A 348 14.98 26.66 21.45
CA TYR A 348 14.53 25.49 20.72
C TYR A 348 13.52 24.67 21.50
N GLN A 349 13.65 24.63 22.82
CA GLN A 349 12.69 23.87 23.63
C GLN A 349 11.32 24.56 23.48
N ASP A 350 11.32 25.89 23.43
CA ASP A 350 10.10 26.67 23.27
C ASP A 350 9.50 26.38 21.88
N GLY A 351 10.37 26.41 20.86
CA GLY A 351 9.90 26.14 19.52
C GLY A 351 9.27 24.76 19.44
N VAL A 352 9.86 23.81 20.16
CA VAL A 352 9.32 22.45 20.18
C VAL A 352 7.96 22.45 20.87
N ALA A 353 7.89 23.06 22.06
CA ALA A 353 6.66 23.10 22.83
C ALA A 353 5.55 23.89 22.14
N ASN A 354 5.93 24.86 21.32
CA ASN A 354 4.94 25.68 20.62
C ASN A 354 4.66 25.27 19.17
N SER A 355 5.12 24.07 18.79
CA SER A 355 4.92 23.55 17.43
C SER A 355 3.48 23.66 16.94
N LYS A 356 2.53 23.39 17.83
CA LYS A 356 1.12 23.47 17.49
C LYS A 356 0.70 24.84 16.94
N ASP A 357 1.42 25.90 17.31
CA ASP A 357 1.08 27.24 16.82
C ASP A 357 1.47 27.37 15.34
N GLY A 358 2.33 26.48 14.87
CA GLY A 358 2.78 26.53 13.49
C GLY A 358 4.32 26.45 13.43
N LYS A 359 4.86 26.24 12.23
CA LYS A 359 6.30 26.12 12.03
C LYS A 359 7.09 27.18 12.78
N GLN A 360 8.06 26.71 13.56
CA GLN A 360 8.93 27.56 14.36
C GLN A 360 10.29 27.64 13.69
N LEU A 361 10.84 28.85 13.64
CA LEU A 361 12.16 29.08 13.07
C LEU A 361 12.99 29.91 14.04
N ILE A 362 14.14 29.40 14.45
CA ILE A 362 15.00 30.16 15.35
C ILE A 362 15.94 30.90 14.42
N THR A 363 16.05 32.21 14.61
CA THR A 363 16.90 33.05 13.77
C THR A 363 18.08 33.60 14.58
N TYR A 364 19.09 34.09 13.87
CA TYR A 364 20.28 34.62 14.53
C TYR A 364 20.70 36.00 14.00
N MET B 1 -35.83 -32.82 -24.59
CA MET B 1 -35.91 -31.77 -23.55
C MET B 1 -35.20 -32.22 -22.28
N ILE B 2 -34.65 -31.26 -21.55
CA ILE B 2 -33.95 -31.55 -20.31
C ILE B 2 -34.51 -30.65 -19.24
N THR B 3 -34.96 -31.25 -18.13
CA THR B 3 -35.48 -30.48 -17.02
C THR B 3 -34.29 -30.21 -16.10
N ALA B 4 -34.01 -28.93 -15.87
CA ALA B 4 -32.88 -28.54 -15.04
C ALA B 4 -33.31 -27.70 -13.84
N GLN B 5 -32.42 -27.54 -12.87
CA GLN B 5 -32.68 -26.75 -11.68
C GLN B 5 -31.57 -25.71 -11.52
N ALA B 6 -31.94 -24.51 -11.08
CA ALA B 6 -30.95 -23.47 -10.87
C ALA B 6 -31.25 -22.72 -9.57
N VAL B 7 -30.20 -22.44 -8.79
CA VAL B 7 -30.35 -21.70 -7.55
C VAL B 7 -30.30 -20.21 -7.93
N LEU B 8 -31.37 -19.48 -7.60
CA LEU B 8 -31.48 -18.06 -7.93
C LEU B 8 -31.95 -17.21 -6.74
N TYR B 9 -31.92 -15.89 -6.95
CA TYR B 9 -32.41 -14.91 -5.97
C TYR B 9 -32.93 -13.74 -6.80
N THR B 10 -33.96 -13.06 -6.31
CA THR B 10 -34.52 -11.93 -7.02
C THR B 10 -34.07 -10.63 -6.35
N GLN B 11 -33.45 -10.77 -5.19
CA GLN B 11 -32.94 -9.61 -4.46
C GLN B 11 -31.77 -10.05 -3.60
N HIS B 12 -30.79 -9.17 -3.45
CA HIS B 12 -29.62 -9.49 -2.65
C HIS B 12 -30.01 -9.67 -1.21
N GLY B 13 -29.30 -10.54 -0.51
CA GLY B 13 -29.57 -10.80 0.90
C GLY B 13 -28.72 -11.96 1.39
N GLU B 14 -28.99 -12.44 2.59
CA GLU B 14 -28.25 -13.58 3.11
C GLU B 14 -28.77 -14.80 2.35
N PRO B 15 -27.88 -15.71 1.97
CA PRO B 15 -28.24 -16.92 1.24
C PRO B 15 -29.41 -17.68 1.87
N LYS B 16 -29.44 -17.72 3.20
CA LYS B 16 -30.50 -18.43 3.92
C LYS B 16 -31.87 -17.79 3.73
N ASP B 17 -31.88 -16.52 3.31
CA ASP B 17 -33.14 -15.80 3.11
C ASP B 17 -33.60 -15.62 1.68
N VAL B 18 -32.68 -15.31 0.76
CA VAL B 18 -33.11 -15.03 -0.60
C VAL B 18 -32.99 -16.10 -1.68
N LEU B 19 -32.35 -17.22 -1.40
CA LEU B 19 -32.18 -18.27 -2.38
C LEU B 19 -33.40 -19.14 -2.59
N PHE B 20 -33.58 -19.63 -3.81
CA PHE B 20 -34.66 -20.54 -4.13
C PHE B 20 -34.25 -21.33 -5.36
N THR B 21 -34.98 -22.40 -5.64
CA THR B 21 -34.64 -23.25 -6.78
C THR B 21 -35.64 -23.09 -7.88
N GLN B 22 -35.15 -22.92 -9.09
CA GLN B 22 -36.02 -22.73 -10.23
C GLN B 22 -35.85 -23.83 -11.26
N SER B 23 -36.96 -24.51 -11.54
CA SER B 23 -36.95 -25.58 -12.53
C SER B 23 -37.08 -24.93 -13.91
N PHE B 24 -36.25 -25.35 -14.86
CA PHE B 24 -36.32 -24.79 -16.21
C PHE B 24 -35.96 -25.83 -17.25
N GLU B 25 -36.33 -25.57 -18.49
CA GLU B 25 -36.07 -26.53 -19.54
C GLU B 25 -35.12 -26.08 -20.62
N ILE B 26 -34.28 -27.03 -21.04
CA ILE B 26 -33.29 -26.81 -22.08
C ILE B 26 -33.66 -27.73 -23.22
N ASP B 27 -33.77 -27.17 -24.42
CA ASP B 27 -34.13 -28.00 -25.58
C ASP B 27 -32.88 -28.53 -26.25
N ASP B 28 -32.47 -29.73 -25.85
CA ASP B 28 -31.29 -30.35 -26.42
C ASP B 28 -31.41 -30.74 -27.90
N ASP B 29 -32.55 -30.46 -28.51
CA ASP B 29 -32.74 -30.79 -29.92
C ASP B 29 -32.55 -29.58 -30.82
N ASN B 30 -32.75 -28.39 -30.28
CA ASN B 30 -32.63 -27.16 -31.04
C ASN B 30 -31.39 -26.32 -30.74
N LEU B 31 -30.21 -26.90 -30.93
CA LEU B 31 -28.98 -26.17 -30.64
C LEU B 31 -28.51 -25.32 -31.81
N ALA B 32 -28.18 -24.07 -31.54
CA ALA B 32 -27.67 -23.18 -32.57
C ALA B 32 -26.30 -23.74 -32.96
N PRO B 33 -25.77 -23.32 -34.12
CA PRO B 33 -24.47 -23.80 -34.58
C PRO B 33 -23.34 -23.76 -33.55
N ASN B 34 -23.29 -22.68 -32.78
CA ASN B 34 -22.21 -22.53 -31.81
C ASN B 34 -22.58 -22.77 -30.34
N GLU B 35 -23.73 -23.37 -30.11
CA GLU B 35 -24.15 -23.63 -28.74
C GLU B 35 -23.68 -24.99 -28.20
N VAL B 36 -23.65 -25.07 -26.88
CA VAL B 36 -23.22 -26.26 -26.17
C VAL B 36 -24.09 -26.48 -24.93
N ILE B 37 -24.39 -27.73 -24.63
CA ILE B 37 -25.16 -28.01 -23.44
C ILE B 37 -24.25 -28.82 -22.53
N VAL B 38 -24.18 -28.45 -21.25
CA VAL B 38 -23.32 -29.15 -20.31
C VAL B 38 -24.12 -29.49 -19.08
N LYS B 39 -23.71 -30.54 -18.36
CA LYS B 39 -24.39 -30.89 -17.11
C LYS B 39 -23.29 -30.71 -16.06
N THR B 40 -23.67 -30.15 -14.92
CA THR B 40 -22.73 -29.88 -13.86
C THR B 40 -22.25 -31.16 -13.19
N LEU B 41 -20.96 -31.21 -12.88
CA LEU B 41 -20.40 -32.37 -12.19
C LEU B 41 -20.24 -31.96 -10.72
N GLY B 42 -19.88 -30.69 -10.52
CA GLY B 42 -19.72 -30.16 -9.17
C GLY B 42 -19.36 -28.69 -9.19
N SER B 43 -19.72 -27.97 -8.12
CA SER B 43 -19.37 -26.56 -8.00
C SER B 43 -19.29 -26.23 -6.51
N PRO B 44 -18.28 -25.44 -6.10
CA PRO B 44 -18.06 -25.07 -4.71
C PRO B 44 -18.80 -23.83 -4.21
N VAL B 45 -18.75 -23.65 -2.90
CA VAL B 45 -19.30 -22.46 -2.27
C VAL B 45 -18.03 -21.73 -1.80
N ASN B 46 -17.74 -20.57 -2.40
CA ASN B 46 -16.58 -19.78 -2.01
C ASN B 46 -17.06 -18.50 -1.35
N PRO B 47 -16.24 -17.94 -0.46
CA PRO B 47 -16.71 -16.69 0.16
C PRO B 47 -17.24 -15.68 -0.86
N SER B 48 -16.52 -15.48 -1.95
CA SER B 48 -16.98 -14.52 -2.94
C SER B 48 -18.38 -14.84 -3.49
N ASP B 49 -18.72 -16.12 -3.60
CA ASP B 49 -20.06 -16.48 -4.09
C ASP B 49 -21.09 -15.92 -3.12
N ILE B 50 -20.82 -16.08 -1.82
CA ILE B 50 -21.74 -15.58 -0.81
C ILE B 50 -21.81 -14.05 -0.81
N ASN B 51 -20.66 -13.40 -0.86
CA ASN B 51 -20.63 -11.93 -0.86
C ASN B 51 -21.39 -11.43 -2.08
N GLN B 52 -21.33 -12.16 -3.17
CA GLN B 52 -22.02 -11.76 -4.38
C GLN B 52 -23.53 -11.76 -4.13
N ILE B 53 -24.04 -12.86 -3.55
CA ILE B 53 -25.45 -12.98 -3.22
C ILE B 53 -25.87 -11.91 -2.22
N GLN B 54 -25.00 -11.59 -1.26
CA GLN B 54 -25.29 -10.59 -0.25
C GLN B 54 -25.35 -9.17 -0.84
N GLY B 55 -24.77 -8.97 -2.01
CA GLY B 55 -24.78 -7.67 -2.65
C GLY B 55 -23.65 -6.75 -2.24
N VAL B 56 -22.61 -7.32 -1.64
CA VAL B 56 -21.47 -6.51 -1.21
C VAL B 56 -20.20 -6.88 -1.99
N TYR B 57 -20.39 -7.48 -3.16
CA TYR B 57 -19.29 -7.92 -4.03
C TYR B 57 -19.56 -7.30 -5.40
N PRO B 58 -18.71 -6.33 -5.81
CA PRO B 58 -18.81 -5.60 -7.07
C PRO B 58 -18.61 -6.29 -8.40
N SER B 59 -19.10 -7.52 -8.53
CA SER B 59 -19.00 -8.25 -9.78
C SER B 59 -20.13 -9.27 -9.73
N LYS B 60 -21.12 -9.13 -10.58
CA LYS B 60 -22.26 -10.04 -10.50
C LYS B 60 -23.05 -10.23 -11.77
N PRO B 61 -23.75 -11.40 -11.85
CA PRO B 61 -24.62 -11.77 -12.97
C PRO B 61 -25.71 -10.74 -13.07
N ALA B 62 -26.20 -10.49 -14.29
CA ALA B 62 -27.30 -9.57 -14.51
C ALA B 62 -28.57 -10.33 -14.10
N LYS B 63 -29.56 -9.66 -13.53
CA LYS B 63 -30.78 -10.38 -13.19
C LYS B 63 -31.57 -10.51 -14.47
N THR B 64 -32.03 -11.72 -14.77
CA THR B 64 -32.79 -11.92 -15.99
C THR B 64 -33.95 -12.88 -15.75
N THR B 65 -34.81 -13.00 -16.76
CA THR B 65 -35.97 -13.90 -16.71
C THR B 65 -35.63 -15.13 -17.54
N GLY B 66 -34.36 -15.28 -17.91
CA GLY B 66 -33.92 -16.42 -18.70
C GLY B 66 -34.21 -17.81 -18.13
N PHE B 67 -34.41 -17.91 -16.81
CA PHE B 67 -34.70 -19.22 -16.24
C PHE B 67 -36.21 -19.46 -16.11
N GLY B 68 -37.01 -18.61 -16.73
CA GLY B 68 -38.45 -18.78 -16.67
C GLY B 68 -39.15 -18.15 -15.48
N THR B 69 -38.51 -17.18 -14.83
CA THR B 69 -39.14 -16.51 -13.71
C THR B 69 -39.81 -15.26 -14.30
N THR B 70 -40.80 -14.70 -13.61
CA THR B 70 -41.45 -13.50 -14.12
C THR B 70 -40.61 -12.27 -13.72
N GLU B 71 -40.08 -12.27 -12.50
CA GLU B 71 -39.23 -11.15 -12.12
C GLU B 71 -37.75 -11.49 -12.35
N PRO B 72 -36.94 -10.50 -12.77
CA PRO B 72 -35.52 -10.74 -13.02
C PRO B 72 -34.86 -11.43 -11.84
N ALA B 73 -34.13 -12.50 -12.12
CA ALA B 73 -33.45 -13.26 -11.08
C ALA B 73 -32.01 -13.54 -11.50
N ALA B 74 -31.10 -13.57 -10.53
CA ALA B 74 -29.69 -13.85 -10.81
C ALA B 74 -29.31 -15.25 -10.33
N PRO B 75 -28.44 -15.95 -11.09
CA PRO B 75 -27.97 -17.29 -10.74
C PRO B 75 -26.83 -17.12 -9.72
N CYS B 76 -26.30 -18.23 -9.21
CA CYS B 76 -25.25 -18.16 -8.20
C CYS B 76 -24.08 -19.06 -8.53
N GLY B 77 -22.94 -18.81 -7.88
CA GLY B 77 -21.76 -19.62 -8.11
C GLY B 77 -20.95 -19.08 -9.27
N ASN B 78 -19.65 -18.93 -9.08
CA ASN B 78 -18.80 -18.39 -10.12
C ASN B 78 -17.82 -19.36 -10.77
N GLU B 79 -17.60 -20.52 -10.14
CA GLU B 79 -16.74 -21.53 -10.73
C GLU B 79 -17.34 -22.92 -10.54
N GLY B 80 -16.90 -23.86 -11.36
CA GLY B 80 -17.40 -25.21 -11.28
C GLY B 80 -16.97 -26.04 -12.48
N LEU B 81 -17.17 -27.35 -12.37
CA LEU B 81 -16.79 -28.29 -13.42
C LEU B 81 -18.05 -28.87 -14.05
N PHE B 82 -18.07 -28.89 -15.39
CA PHE B 82 -19.21 -29.40 -16.14
C PHE B 82 -18.74 -30.41 -17.20
N GLU B 83 -19.66 -31.28 -17.60
CA GLU B 83 -19.40 -32.25 -18.64
C GLU B 83 -20.24 -31.86 -19.85
N VAL B 84 -19.60 -31.76 -21.01
CA VAL B 84 -20.28 -31.41 -22.25
C VAL B 84 -21.19 -32.58 -22.65
N ILE B 85 -22.45 -32.28 -22.93
CA ILE B 85 -23.41 -33.30 -23.33
C ILE B 85 -23.74 -33.26 -24.82
N LYS B 86 -23.86 -32.06 -25.37
CA LYS B 86 -24.15 -31.93 -26.80
C LYS B 86 -23.67 -30.59 -27.31
N VAL B 87 -23.16 -30.57 -28.54
CA VAL B 87 -22.65 -29.34 -29.12
C VAL B 87 -23.36 -29.05 -30.44
N GLY B 88 -23.38 -27.78 -30.82
CA GLY B 88 -24.02 -27.39 -32.07
C GLY B 88 -23.26 -27.89 -33.29
N SER B 89 -23.88 -27.72 -34.46
CA SER B 89 -23.30 -28.17 -35.71
C SER B 89 -22.03 -27.45 -36.09
N ASN B 90 -21.77 -26.31 -35.46
CA ASN B 90 -20.55 -25.56 -35.79
C ASN B 90 -19.49 -25.59 -34.68
N VAL B 91 -19.67 -26.45 -33.68
CA VAL B 91 -18.71 -26.53 -32.60
C VAL B 91 -17.62 -27.58 -32.82
N SER B 92 -16.39 -27.11 -32.89
CA SER B 92 -15.25 -28.00 -33.09
C SER B 92 -14.33 -27.99 -31.88
N SER B 93 -14.42 -26.96 -31.04
CA SER B 93 -13.56 -26.89 -29.86
C SER B 93 -13.93 -27.90 -28.77
N LEU B 94 -15.20 -28.30 -28.71
CA LEU B 94 -15.66 -29.24 -27.69
C LEU B 94 -16.46 -30.43 -28.28
N GLU B 95 -16.41 -31.55 -27.58
CA GLU B 95 -17.10 -32.77 -27.98
C GLU B 95 -17.86 -33.25 -26.76
N ALA B 96 -18.86 -34.10 -26.99
CA ALA B 96 -19.62 -34.68 -25.88
C ALA B 96 -18.62 -35.46 -25.02
N GLY B 97 -18.73 -35.35 -23.69
CA GLY B 97 -17.82 -36.08 -22.83
C GLY B 97 -16.69 -35.21 -22.30
N ASP B 98 -16.40 -34.10 -22.98
CA ASP B 98 -15.35 -33.19 -22.53
C ASP B 98 -15.66 -32.56 -21.18
N TRP B 99 -14.60 -32.19 -20.45
CA TRP B 99 -14.73 -31.53 -19.15
C TRP B 99 -14.47 -30.06 -19.39
N VAL B 100 -15.31 -29.18 -18.85
CA VAL B 100 -15.09 -27.74 -19.02
C VAL B 100 -15.41 -26.95 -17.74
N ILE B 101 -14.88 -25.73 -17.68
CA ILE B 101 -15.14 -24.81 -16.58
C ILE B 101 -15.62 -23.55 -17.29
N PRO B 102 -16.35 -22.67 -16.59
CA PRO B 102 -16.79 -21.44 -17.29
C PRO B 102 -15.56 -20.67 -17.74
N SER B 103 -15.65 -19.96 -18.87
CA SER B 103 -14.51 -19.18 -19.34
C SER B 103 -14.50 -17.81 -18.63
N HIS B 104 -15.62 -17.43 -18.03
CA HIS B 104 -15.69 -16.15 -17.32
C HIS B 104 -16.48 -16.30 -16.03
N VAL B 105 -16.33 -15.34 -15.12
CA VAL B 105 -17.07 -15.36 -13.87
C VAL B 105 -18.53 -14.98 -14.14
N ASN B 106 -19.38 -15.01 -13.13
CA ASN B 106 -20.80 -14.63 -13.28
C ASN B 106 -21.61 -15.49 -14.24
N PHE B 107 -21.19 -16.73 -14.45
CA PHE B 107 -21.92 -17.61 -15.35
C PHE B 107 -23.06 -18.31 -14.63
N GLY B 108 -22.89 -18.51 -13.34
CA GLY B 108 -23.89 -19.21 -12.54
C GLY B 108 -23.56 -20.69 -12.55
N THR B 109 -22.90 -21.18 -11.52
CA THR B 109 -22.51 -22.58 -11.45
C THR B 109 -23.32 -23.42 -10.44
N TRP B 110 -24.20 -22.75 -9.69
CA TRP B 110 -25.04 -23.47 -8.73
C TRP B 110 -26.33 -23.87 -9.46
N ARG B 111 -26.18 -24.89 -10.32
CA ARG B 111 -27.29 -25.40 -11.11
C ARG B 111 -26.90 -26.73 -11.75
N THR B 112 -27.90 -27.50 -12.21
CA THR B 112 -27.64 -28.82 -12.80
C THR B 112 -27.18 -28.83 -14.26
N HIS B 113 -27.57 -27.82 -15.03
CA HIS B 113 -27.21 -27.76 -16.45
C HIS B 113 -27.10 -26.34 -16.92
N ALA B 114 -26.56 -26.18 -18.13
CA ALA B 114 -26.41 -24.87 -18.75
C ALA B 114 -26.33 -24.99 -20.25
N LEU B 115 -26.95 -24.03 -20.92
CA LEU B 115 -26.90 -23.95 -22.38
C LEU B 115 -26.01 -22.74 -22.59
N GLY B 116 -25.05 -22.83 -23.48
CA GLY B 116 -24.19 -21.70 -23.74
C GLY B 116 -23.50 -21.83 -25.06
N ASN B 117 -22.63 -20.88 -25.39
CA ASN B 117 -21.87 -20.93 -26.63
C ASN B 117 -20.58 -21.61 -26.21
N ASP B 118 -19.86 -22.12 -27.20
CA ASP B 118 -18.62 -22.81 -26.92
C ASP B 118 -17.61 -21.91 -26.25
N ASP B 119 -17.61 -20.63 -26.58
CA ASP B 119 -16.66 -19.70 -26.00
C ASP B 119 -17.02 -19.30 -24.56
N ASP B 120 -18.10 -19.86 -24.03
CA ASP B 120 -18.46 -19.58 -22.64
C ASP B 120 -17.71 -20.56 -21.74
N PHE B 121 -17.02 -21.53 -22.33
CA PHE B 121 -16.29 -22.54 -21.55
C PHE B 121 -14.82 -22.72 -21.91
N ILE B 122 -14.08 -23.29 -20.96
CA ILE B 122 -12.66 -23.61 -21.16
C ILE B 122 -12.52 -25.10 -20.91
N LYS B 123 -12.02 -25.83 -21.91
CA LYS B 123 -11.85 -27.26 -21.77
C LYS B 123 -10.69 -27.62 -20.85
N LEU B 124 -10.91 -28.60 -19.97
CA LEU B 124 -9.86 -29.12 -19.09
C LEU B 124 -9.75 -30.54 -19.59
N PRO B 125 -8.61 -31.21 -19.39
CA PRO B 125 -8.59 -32.59 -19.88
C PRO B 125 -9.35 -33.45 -18.91
N ASN B 126 -10.20 -34.35 -19.41
CA ASN B 126 -10.91 -35.23 -18.49
C ASN B 126 -9.96 -36.40 -18.19
N PRO B 127 -10.35 -37.30 -17.27
CA PRO B 127 -9.45 -38.42 -16.96
C PRO B 127 -8.99 -39.28 -18.14
N ALA B 128 -9.91 -39.64 -19.04
CA ALA B 128 -9.54 -40.48 -20.17
C ALA B 128 -8.49 -39.78 -21.05
N GLN B 129 -8.66 -38.47 -21.27
CA GLN B 129 -7.70 -37.72 -22.08
C GLN B 129 -6.31 -37.61 -21.39
N SER B 130 -6.30 -37.35 -20.08
CA SER B 130 -5.02 -37.29 -19.37
C SER B 130 -4.35 -38.66 -19.48
N LYS B 131 -5.13 -39.72 -19.26
CA LYS B 131 -4.61 -41.08 -19.32
C LYS B 131 -4.08 -41.45 -20.69
N ALA B 132 -4.81 -41.09 -21.75
CA ALA B 132 -4.38 -41.41 -23.10
C ALA B 132 -3.07 -40.68 -23.43
N ASN B 133 -2.72 -39.67 -22.65
CA ASN B 133 -1.49 -38.95 -22.90
C ASN B 133 -0.36 -39.47 -22.02
N GLY B 134 -0.62 -40.57 -21.33
CA GLY B 134 0.38 -41.17 -20.47
C GLY B 134 0.69 -40.41 -19.20
N LYS B 135 -0.18 -39.47 -18.84
CA LYS B 135 0.01 -38.71 -17.61
C LYS B 135 -0.31 -39.64 -16.44
N PRO B 136 0.43 -39.53 -15.34
CA PRO B 136 0.18 -40.39 -14.16
C PRO B 136 -1.25 -40.23 -13.62
N ASN B 137 -1.77 -39.00 -13.58
CA ASN B 137 -3.12 -38.77 -13.05
C ASN B 137 -4.08 -37.99 -13.92
N GLY B 138 -5.36 -38.19 -13.65
CA GLY B 138 -6.41 -37.45 -14.31
C GLY B 138 -6.94 -36.55 -13.18
N LEU B 139 -7.63 -35.47 -13.52
CA LEU B 139 -8.17 -34.58 -12.51
C LEU B 139 -9.38 -35.22 -11.82
N THR B 140 -9.60 -34.89 -10.55
CA THR B 140 -10.80 -35.38 -9.87
C THR B 140 -11.87 -34.29 -10.04
N ILE B 141 -13.10 -34.59 -9.65
CA ILE B 141 -14.18 -33.62 -9.76
C ILE B 141 -13.86 -32.38 -8.92
N ASN B 142 -13.43 -32.60 -7.68
CA ASN B 142 -13.13 -31.45 -6.82
C ASN B 142 -11.98 -30.61 -7.36
N GLN B 143 -10.97 -31.27 -7.92
CA GLN B 143 -9.83 -30.55 -8.47
C GLN B 143 -10.27 -29.67 -9.64
N GLY B 144 -11.11 -30.24 -10.51
CA GLY B 144 -11.60 -29.51 -11.65
C GLY B 144 -12.57 -28.42 -11.24
N ALA B 145 -13.43 -28.73 -10.27
CA ALA B 145 -14.45 -27.79 -9.82
C ALA B 145 -13.92 -26.59 -9.05
N THR B 146 -12.73 -26.72 -8.47
CA THR B 146 -12.15 -25.63 -7.70
C THR B 146 -10.84 -25.11 -8.28
N ILE B 147 -10.61 -25.31 -9.56
CA ILE B 147 -9.36 -24.89 -10.18
C ILE B 147 -9.29 -23.44 -10.63
N SER B 148 -10.43 -22.81 -10.83
CA SER B 148 -10.51 -21.42 -11.33
C SER B 148 -10.22 -20.28 -10.38
N VAL B 149 -10.50 -20.50 -9.09
CA VAL B 149 -10.32 -19.43 -8.13
C VAL B 149 -9.13 -19.48 -7.18
N ASN B 150 -9.10 -20.47 -6.28
CA ASN B 150 -8.03 -20.53 -5.30
C ASN B 150 -6.64 -20.85 -5.79
N PRO B 151 -6.49 -21.87 -6.65
CA PRO B 151 -5.16 -22.20 -7.16
C PRO B 151 -4.54 -21.05 -7.98
N LEU B 152 -5.34 -20.41 -8.82
CA LEU B 152 -4.83 -19.32 -9.66
C LEU B 152 -4.50 -18.13 -8.79
N THR B 153 -5.33 -17.89 -7.77
CA THR B 153 -5.07 -16.79 -6.84
C THR B 153 -3.70 -16.98 -6.17
N ALA B 154 -3.46 -18.20 -5.64
CA ALA B 154 -2.19 -18.51 -4.98
C ALA B 154 -1.02 -18.37 -5.95
N TYR B 155 -1.16 -18.97 -7.12
CA TYR B 155 -0.08 -18.91 -8.09
C TYR B 155 0.30 -17.48 -8.49
N LEU B 156 -0.68 -16.71 -8.95
CA LEU B 156 -0.41 -15.34 -9.40
C LEU B 156 0.14 -14.44 -8.29
N MET B 157 -0.37 -14.54 -7.06
CA MET B 157 0.19 -13.72 -5.98
C MET B 157 1.67 -14.04 -5.71
N LEU B 158 2.04 -15.31 -5.83
CA LEU B 158 3.42 -15.68 -5.53
C LEU B 158 4.40 -15.37 -6.66
N THR B 159 3.88 -15.22 -7.87
CA THR B 159 4.76 -15.04 -9.02
C THR B 159 4.59 -13.81 -9.88
N HIS B 160 3.46 -13.13 -9.76
CA HIS B 160 3.19 -12.00 -10.63
C HIS B 160 3.56 -10.61 -10.13
N TYR B 161 3.96 -10.49 -8.86
CA TYR B 161 4.25 -9.19 -8.28
C TYR B 161 5.65 -8.86 -7.85
N VAL B 162 6.35 -9.83 -7.31
CA VAL B 162 7.72 -9.58 -6.87
C VAL B 162 8.37 -10.93 -7.08
N LYS B 163 9.61 -10.91 -7.51
CA LYS B 163 10.34 -12.13 -7.80
C LYS B 163 11.10 -12.67 -6.59
N LEU B 164 10.71 -13.86 -6.12
CA LEU B 164 11.42 -14.45 -4.98
C LEU B 164 12.52 -15.34 -5.53
N THR B 165 13.72 -15.19 -4.99
CA THR B 165 14.84 -16.02 -5.44
C THR B 165 14.68 -17.45 -4.91
N PRO B 166 14.51 -18.43 -5.81
CA PRO B 166 14.34 -19.84 -5.42
C PRO B 166 15.44 -20.35 -4.50
N GLY B 167 15.05 -21.11 -3.47
CA GLY B 167 16.03 -21.64 -2.54
C GLY B 167 16.48 -20.63 -1.50
N LYS B 168 16.09 -19.37 -1.64
CA LYS B 168 16.50 -18.34 -0.69
C LYS B 168 15.41 -17.50 -0.03
N ASP B 169 14.68 -16.76 -0.84
CA ASP B 169 13.64 -15.85 -0.36
C ASP B 169 12.40 -16.44 0.29
N TRP B 170 11.72 -15.60 1.05
CA TRP B 170 10.54 -16.03 1.78
C TRP B 170 9.31 -15.21 1.53
N PHE B 171 8.16 -15.85 1.71
CA PHE B 171 6.89 -15.13 1.69
C PHE B 171 6.24 -15.53 3.01
N ILE B 172 5.40 -14.68 3.57
CA ILE B 172 4.74 -15.01 4.82
C ILE B 172 3.25 -14.80 4.60
N GLN B 173 2.43 -15.73 5.10
CA GLN B 173 1.01 -15.61 4.90
C GLN B 173 0.17 -15.97 6.13
N ASN B 174 -0.94 -15.27 6.30
CA ASN B 174 -1.85 -15.60 7.41
C ASN B 174 -2.93 -16.43 6.74
N GLY B 175 -3.95 -16.86 7.48
CA GLY B 175 -4.98 -17.70 6.87
C GLY B 175 -4.35 -19.00 6.38
N GLY B 176 -3.33 -19.47 7.09
CA GLY B 176 -2.63 -20.68 6.68
C GLY B 176 -3.43 -21.96 6.45
N THR B 177 -4.56 -22.10 7.13
CA THR B 177 -5.37 -23.31 6.95
C THR B 177 -6.42 -23.15 5.83
N SER B 178 -6.57 -21.95 5.30
CA SER B 178 -7.56 -21.74 4.22
C SER B 178 -7.16 -22.52 2.97
N ALA B 179 -8.12 -22.73 2.06
CA ALA B 179 -7.84 -23.46 0.83
C ALA B 179 -6.75 -22.71 0.08
N VAL B 180 -6.89 -21.38 -0.02
CA VAL B 180 -5.87 -20.59 -0.71
C VAL B 180 -4.51 -20.77 -0.04
N GLY B 181 -4.50 -20.67 1.30
CA GLY B 181 -3.27 -20.83 2.04
C GLY B 181 -2.66 -22.20 1.77
N LYS B 182 -3.48 -23.23 1.64
CA LYS B 182 -2.94 -24.57 1.39
C LYS B 182 -2.35 -24.63 -0.02
N TYR B 183 -2.97 -23.95 -0.99
CA TYR B 183 -2.41 -23.92 -2.33
C TYR B 183 -1.11 -23.14 -2.34
N ALA B 184 -1.08 -21.99 -1.65
CA ALA B 184 0.13 -21.18 -1.60
C ALA B 184 1.31 -21.94 -1.03
N SER B 185 1.08 -22.74 0.00
CA SER B 185 2.17 -23.52 0.59
C SER B 185 2.73 -24.52 -0.43
N GLN B 186 1.83 -25.22 -1.11
CA GLN B 186 2.21 -26.19 -2.13
C GLN B 186 2.94 -25.52 -3.28
N ILE B 187 2.38 -24.44 -3.80
CA ILE B 187 3.04 -23.75 -4.89
C ILE B 187 4.37 -23.20 -4.41
N GLY B 188 4.40 -22.73 -3.17
CA GLY B 188 5.65 -22.23 -2.62
C GLY B 188 6.72 -23.31 -2.62
N LYS B 189 6.40 -24.52 -2.15
CA LYS B 189 7.42 -25.57 -2.14
C LYS B 189 7.77 -25.99 -3.56
N LEU B 190 6.79 -26.03 -4.46
CA LEU B 190 7.10 -26.44 -5.83
C LEU B 190 8.03 -25.47 -6.56
N LEU B 191 7.95 -24.18 -6.22
CA LEU B 191 8.83 -23.17 -6.82
C LEU B 191 10.07 -22.94 -5.95
N ASN B 192 10.22 -23.76 -4.91
CA ASN B 192 11.36 -23.65 -4.01
C ASN B 192 11.38 -22.31 -3.26
N PHE B 193 10.20 -21.83 -2.86
CA PHE B 193 10.13 -20.58 -2.08
C PHE B 193 10.00 -20.96 -0.60
N ASN B 194 10.71 -20.26 0.27
CA ASN B 194 10.59 -20.50 1.71
C ASN B 194 9.31 -19.79 2.17
N SER B 195 8.70 -20.23 3.27
CA SER B 195 7.51 -19.55 3.71
C SER B 195 7.13 -19.81 5.16
N ILE B 196 6.40 -18.87 5.75
CA ILE B 196 5.92 -18.99 7.11
C ILE B 196 4.41 -18.89 7.02
N SER B 197 3.70 -19.85 7.60
CA SER B 197 2.24 -19.82 7.62
C SER B 197 1.82 -19.44 9.03
N VAL B 198 0.86 -18.52 9.14
CA VAL B 198 0.34 -18.08 10.43
C VAL B 198 -1.07 -18.61 10.54
N ILE B 199 -1.37 -19.29 11.66
CA ILE B 199 -2.68 -19.87 11.92
C ILE B 199 -3.09 -19.57 13.34
N ARG B 200 -4.37 -19.75 13.65
CA ARG B 200 -4.84 -19.52 15.00
C ARG B 200 -4.49 -20.76 15.82
N ASP B 201 -4.13 -20.57 17.08
CA ASP B 201 -3.75 -21.67 17.95
C ASP B 201 -4.98 -22.58 18.09
N ARG B 202 -4.73 -23.85 18.43
CA ARG B 202 -5.81 -24.85 18.61
C ARG B 202 -5.27 -25.98 19.46
N PRO B 203 -6.15 -26.84 19.99
CA PRO B 203 -5.66 -27.97 20.80
C PRO B 203 -4.78 -28.93 20.02
N ASN B 204 -5.11 -29.19 18.75
CA ASN B 204 -4.31 -30.11 17.95
C ASN B 204 -3.31 -29.37 17.07
N LEU B 205 -2.72 -28.33 17.64
CA LEU B 205 -1.73 -27.52 16.95
C LEU B 205 -0.65 -28.33 16.23
N ASP B 206 -0.03 -29.27 16.95
CA ASP B 206 1.05 -30.08 16.40
C ASP B 206 0.68 -30.79 15.09
N GLU B 207 -0.51 -31.35 15.08
CA GLU B 207 -1.00 -32.06 13.91
C GLU B 207 -1.23 -31.09 12.74
N VAL B 208 -1.78 -29.92 13.01
CA VAL B 208 -2.04 -28.95 11.96
C VAL B 208 -0.71 -28.43 11.40
N VAL B 209 0.23 -28.17 12.30
CA VAL B 209 1.55 -27.71 11.91
C VAL B 209 2.22 -28.75 10.99
N ALA B 210 2.21 -30.02 11.42
CA ALA B 210 2.82 -31.07 10.61
C ALA B 210 2.17 -31.12 9.25
N SER B 211 0.84 -31.05 9.26
CA SER B 211 0.10 -31.10 8.03
C SER B 211 0.46 -29.97 7.05
N LEU B 212 0.60 -28.75 7.56
CA LEU B 212 0.95 -27.62 6.70
C LEU B 212 2.38 -27.74 6.18
N LYS B 213 3.31 -28.22 7.00
CA LYS B 213 4.68 -28.42 6.52
C LYS B 213 4.73 -29.47 5.40
N GLU B 214 3.91 -30.52 5.50
CA GLU B 214 3.88 -31.52 4.43
C GLU B 214 3.40 -30.84 3.13
N LEU B 215 2.44 -29.94 3.26
CA LEU B 215 1.92 -29.21 2.08
C LEU B 215 2.98 -28.26 1.52
N GLY B 216 3.94 -27.84 2.34
CA GLY B 216 4.97 -26.95 1.86
C GLY B 216 5.42 -25.80 2.74
N ALA B 217 4.72 -25.51 3.84
CA ALA B 217 5.14 -24.42 4.72
C ALA B 217 6.52 -24.77 5.32
N THR B 218 7.44 -23.81 5.33
CA THR B 218 8.76 -24.06 5.91
C THR B 218 8.59 -24.00 7.42
N GLN B 219 7.86 -22.99 7.89
CA GLN B 219 7.59 -22.83 9.32
C GLN B 219 6.13 -22.45 9.47
N VAL B 220 5.55 -22.81 10.62
CA VAL B 220 4.16 -22.50 10.95
C VAL B 220 4.17 -21.89 12.36
N ILE B 221 3.56 -20.72 12.53
CA ILE B 221 3.49 -20.05 13.83
C ILE B 221 2.04 -19.65 14.12
N THR B 222 1.73 -19.39 15.37
CA THR B 222 0.38 -18.99 15.72
C THR B 222 0.27 -17.47 15.62
N GLU B 223 -0.95 -16.96 15.70
CA GLU B 223 -1.15 -15.52 15.66
C GLU B 223 -0.55 -14.89 16.91
N ASP B 224 -0.49 -15.67 18.00
CA ASP B 224 0.09 -15.12 19.24
C ASP B 224 1.58 -14.88 19.01
N GLN B 225 2.22 -15.82 18.33
CA GLN B 225 3.64 -15.67 18.00
C GLN B 225 3.76 -14.50 17.01
N ASN B 226 2.77 -14.35 16.14
CA ASN B 226 2.78 -13.28 15.15
C ASN B 226 2.71 -11.94 15.92
N ASN B 227 1.94 -11.93 17.00
CA ASN B 227 1.79 -10.74 17.87
C ASN B 227 3.00 -10.51 18.77
N SER B 228 3.91 -11.47 18.86
CA SER B 228 5.03 -11.40 19.81
C SER B 228 6.33 -10.68 19.52
N ARG B 229 6.65 -9.69 20.34
CA ARG B 229 7.90 -9.00 20.16
C ARG B 229 9.00 -9.96 20.59
N GLU B 230 8.76 -10.72 21.65
CA GLU B 230 9.73 -11.69 22.16
C GLU B 230 10.13 -12.68 21.08
N PHE B 231 9.15 -13.15 20.31
CA PHE B 231 9.36 -14.13 19.25
C PHE B 231 10.01 -13.56 18.00
N GLY B 232 9.89 -12.24 17.83
CA GLY B 232 10.45 -11.58 16.66
C GLY B 232 11.82 -12.04 16.19
N PRO B 233 12.83 -12.05 17.09
CA PRO B 233 14.19 -12.48 16.73
C PRO B 233 14.27 -13.90 16.17
N THR B 234 13.36 -14.77 16.57
CA THR B 234 13.39 -16.14 16.07
C THR B 234 13.13 -16.15 14.57
N ILE B 235 12.12 -15.39 14.14
CA ILE B 235 11.77 -15.32 12.73
C ILE B 235 12.90 -14.71 11.94
N LYS B 236 13.44 -13.62 12.46
CA LYS B 236 14.53 -12.95 11.79
C LYS B 236 15.75 -13.88 11.61
N GLU B 237 15.98 -14.75 12.58
CA GLU B 237 17.09 -15.71 12.49
C GLU B 237 16.82 -16.72 11.36
N TRP B 238 15.58 -17.22 11.26
CA TRP B 238 15.25 -18.17 10.20
C TRP B 238 15.62 -17.59 8.84
N ILE B 239 15.17 -16.37 8.59
CA ILE B 239 15.43 -15.68 7.35
C ILE B 239 16.93 -15.46 7.11
N LYS B 240 17.63 -15.04 8.14
CA LYS B 240 19.06 -14.79 8.04
C LYS B 240 19.82 -16.04 7.63
N GLN B 241 19.54 -17.15 8.30
CA GLN B 241 20.23 -18.40 7.98
C GLN B 241 19.93 -18.89 6.57
N SER B 242 18.75 -18.58 6.03
CA SER B 242 18.42 -19.03 4.68
C SER B 242 19.24 -18.23 3.66
N GLY B 243 19.73 -17.07 4.07
CA GLY B 243 20.47 -16.22 3.16
C GLY B 243 19.53 -15.41 2.28
N GLY B 244 18.23 -15.59 2.48
CA GLY B 244 17.26 -14.86 1.67
C GLY B 244 16.64 -13.71 2.42
N GLU B 245 15.51 -13.20 1.91
CA GLU B 245 14.80 -12.09 2.55
C GLU B 245 13.29 -12.33 2.50
N ALA B 246 12.55 -11.77 3.44
CA ALA B 246 11.10 -11.92 3.40
C ALA B 246 10.63 -10.72 2.58
N LYS B 247 10.23 -11.00 1.35
CA LYS B 247 9.84 -9.97 0.39
C LYS B 247 8.36 -9.83 0.14
N LEU B 248 7.59 -10.85 0.50
CA LEU B 248 6.18 -10.84 0.20
C LEU B 248 5.29 -11.38 1.32
N ALA B 249 4.19 -10.68 1.57
CA ALA B 249 3.25 -11.10 2.60
C ALA B 249 1.89 -11.25 1.92
N LEU B 250 1.20 -12.33 2.23
CA LEU B 250 -0.10 -12.59 1.66
C LEU B 250 -1.10 -12.46 2.80
N ASN B 251 -2.05 -11.52 2.67
CA ASN B 251 -3.03 -11.27 3.71
C ASN B 251 -4.49 -11.53 3.35
N CYS B 252 -5.13 -12.46 4.05
CA CYS B 252 -6.56 -12.68 3.80
C CYS B 252 -7.35 -12.62 5.10
N VAL B 253 -6.73 -12.04 6.13
CA VAL B 253 -7.35 -11.93 7.45
C VAL B 253 -7.69 -10.50 7.88
N GLY B 254 -6.72 -9.59 7.77
CA GLY B 254 -6.96 -8.22 8.19
C GLY B 254 -6.68 -8.09 9.68
N GLY B 255 -6.92 -6.91 10.24
CA GLY B 255 -6.69 -6.73 11.67
C GLY B 255 -5.26 -6.88 12.13
N LYS B 256 -5.08 -7.32 13.37
CA LYS B 256 -3.76 -7.48 13.94
C LYS B 256 -2.90 -8.42 13.11
N SER B 257 -3.51 -9.46 12.55
CA SER B 257 -2.78 -10.44 11.75
C SER B 257 -2.06 -9.79 10.58
N SER B 258 -2.75 -8.90 9.85
CA SER B 258 -2.14 -8.22 8.71
C SER B 258 -0.99 -7.31 9.19
N THR B 259 -1.14 -6.74 10.37
CA THR B 259 -0.08 -5.88 10.90
C THR B 259 1.15 -6.71 11.21
N GLY B 260 0.91 -7.84 11.89
CA GLY B 260 1.98 -8.72 12.27
C GLY B 260 2.80 -9.26 11.12
N ILE B 261 2.16 -9.76 10.06
CA ILE B 261 2.96 -10.30 8.96
C ILE B 261 3.68 -9.20 8.21
N ALA B 262 3.10 -8.01 8.14
CA ALA B 262 3.74 -6.89 7.45
C ALA B 262 5.06 -6.56 8.16
N ARG B 263 5.04 -6.55 9.48
CA ARG B 263 6.23 -6.23 10.29
C ARG B 263 7.40 -7.19 10.09
N LYS B 264 7.12 -8.43 9.73
CA LYS B 264 8.20 -9.40 9.56
C LYS B 264 8.93 -9.35 8.22
N LEU B 265 8.44 -8.56 7.29
CA LEU B 265 9.11 -8.46 6.00
C LEU B 265 10.36 -7.63 6.13
N ASN B 266 11.33 -7.89 5.26
CA ASN B 266 12.54 -7.08 5.24
C ASN B 266 12.12 -5.73 4.64
N ASN B 267 12.98 -4.72 4.69
CA ASN B 267 12.66 -3.41 4.10
C ASN B 267 12.27 -3.59 2.61
N ASN B 268 11.44 -2.67 2.10
CA ASN B 268 10.99 -2.70 0.70
C ASN B 268 10.08 -3.88 0.45
N GLY B 269 9.45 -4.35 1.52
CA GLY B 269 8.54 -5.49 1.40
C GLY B 269 7.24 -5.13 0.71
N LEU B 270 6.52 -6.16 0.27
CA LEU B 270 5.25 -5.98 -0.38
C LEU B 270 4.23 -6.94 0.20
N MET B 271 3.06 -6.43 0.55
CA MET B 271 1.99 -7.26 1.05
C MET B 271 0.82 -7.20 0.06
N LEU B 272 0.21 -8.35 -0.20
CA LEU B 272 -0.95 -8.41 -1.07
C LEU B 272 -2.16 -8.77 -0.22
N THR B 273 -3.14 -7.87 -0.11
CA THR B 273 -4.33 -8.18 0.67
C THR B 273 -5.32 -8.78 -0.33
N TYR B 274 -5.76 -10.01 -0.07
CA TYR B 274 -6.69 -10.68 -0.97
C TYR B 274 -7.94 -11.19 -0.28
N GLY B 275 -8.05 -10.96 1.02
CA GLY B 275 -9.22 -11.39 1.77
C GLY B 275 -9.19 -10.63 3.09
N GLY B 276 -10.29 -10.73 3.85
CA GLY B 276 -10.39 -10.05 5.13
C GLY B 276 -11.37 -10.80 6.03
N MET B 277 -11.04 -12.04 6.34
CA MET B 277 -11.91 -12.89 7.13
C MET B 277 -12.18 -12.45 8.56
N SER B 278 -11.34 -11.57 9.10
CA SER B 278 -11.54 -11.12 10.46
C SER B 278 -12.54 -9.96 10.42
N PHE B 279 -12.79 -9.46 9.22
CA PHE B 279 -13.69 -8.33 9.03
C PHE B 279 -13.10 -7.04 9.60
N GLN B 280 -11.81 -7.08 9.95
CA GLN B 280 -11.12 -5.89 10.46
C GLN B 280 -10.30 -5.32 9.32
N PRO B 281 -10.12 -3.99 9.27
CA PRO B 281 -9.35 -3.29 8.24
C PRO B 281 -7.87 -3.58 8.32
N VAL B 282 -7.14 -3.26 7.26
CA VAL B 282 -5.71 -3.47 7.25
C VAL B 282 -5.11 -2.26 7.98
N THR B 283 -4.43 -2.53 9.09
CA THR B 283 -3.83 -1.46 9.88
C THR B 283 -2.31 -1.61 9.86
N ILE B 284 -1.65 -0.55 9.42
CA ILE B 284 -0.20 -0.56 9.31
C ILE B 284 0.37 0.67 9.99
N PRO B 285 1.36 0.47 10.88
CA PRO B 285 1.96 1.61 11.58
C PRO B 285 2.65 2.53 10.56
N THR B 286 2.48 3.83 10.78
CA THR B 286 3.08 4.83 9.93
C THR B 286 4.57 4.54 9.70
N SER B 287 5.27 4.14 10.77
CA SER B 287 6.70 3.87 10.70
C SER B 287 7.12 2.83 9.66
N LEU B 288 6.28 1.84 9.40
CA LEU B 288 6.62 0.81 8.41
C LEU B 288 6.72 1.37 7.00
N TYR B 289 5.77 2.24 6.64
CA TYR B 289 5.79 2.86 5.31
C TYR B 289 6.99 3.80 5.15
N ILE B 290 7.15 4.70 6.10
CA ILE B 290 8.23 5.68 6.05
C ILE B 290 9.64 5.10 6.21
N PHE B 291 9.92 4.48 7.35
CA PHE B 291 11.25 3.95 7.63
C PHE B 291 11.62 2.59 7.04
N LYS B 292 10.64 1.72 6.79
CA LYS B 292 10.94 0.40 6.20
C LYS B 292 10.57 0.35 4.73
N ASN B 293 9.96 1.42 4.24
CA ASN B 293 9.53 1.52 2.84
C ASN B 293 8.65 0.35 2.40
N PHE B 294 7.75 -0.02 3.30
CA PHE B 294 6.78 -1.10 3.11
C PHE B 294 5.68 -0.66 2.12
N THR B 295 5.14 -1.62 1.36
CA THR B 295 4.08 -1.35 0.41
C THR B 295 2.94 -2.32 0.64
N SER B 296 1.73 -1.78 0.66
CA SER B 296 0.53 -2.56 0.90
C SER B 296 -0.36 -2.42 -0.34
N ALA B 297 -0.59 -3.54 -1.04
CA ALA B 297 -1.40 -3.53 -2.25
C ALA B 297 -2.52 -4.56 -2.23
N GLY B 298 -3.29 -4.60 -3.31
CA GLY B 298 -4.39 -5.55 -3.35
C GLY B 298 -4.26 -6.61 -4.43
N PHE B 299 -5.12 -7.62 -4.32
CA PHE B 299 -5.17 -8.69 -5.29
C PHE B 299 -6.59 -9.17 -5.47
N TRP B 300 -7.03 -9.27 -6.74
CA TRP B 300 -8.38 -9.75 -7.06
C TRP B 300 -8.28 -10.51 -8.38
N VAL B 301 -8.26 -11.83 -8.28
CA VAL B 301 -8.10 -12.65 -9.46
C VAL B 301 -9.18 -12.41 -10.51
N THR B 302 -10.39 -12.09 -10.06
CA THR B 302 -11.47 -11.83 -10.99
C THR B 302 -11.13 -10.65 -11.88
N GLU B 303 -10.63 -9.58 -11.28
CA GLU B 303 -10.30 -8.39 -12.05
C GLU B 303 -9.06 -8.57 -12.89
N LEU B 304 -8.06 -9.25 -12.34
CA LEU B 304 -6.80 -9.48 -13.04
C LEU B 304 -6.94 -10.27 -14.34
N LEU B 305 -7.72 -11.34 -14.32
CA LEU B 305 -7.85 -12.20 -15.49
C LEU B 305 -9.03 -11.85 -16.39
N LYS B 306 -9.80 -10.86 -15.98
CA LYS B 306 -10.97 -10.39 -16.70
C LYS B 306 -10.74 -10.24 -18.22
N ASN B 307 -9.70 -9.52 -18.59
CA ASN B 307 -9.37 -9.30 -19.98
C ASN B 307 -7.93 -9.70 -20.22
N ASN B 308 -7.55 -10.85 -19.70
CA ASN B 308 -6.18 -11.31 -19.90
C ASN B 308 -6.16 -12.83 -20.06
N LYS B 309 -6.78 -13.29 -21.15
CA LYS B 309 -6.86 -14.71 -21.45
C LYS B 309 -5.53 -15.42 -21.39
N GLU B 310 -4.49 -14.80 -21.94
CA GLU B 310 -3.17 -15.42 -21.96
C GLU B 310 -2.59 -15.72 -20.58
N LEU B 311 -2.73 -14.78 -19.66
CA LEU B 311 -2.19 -14.98 -18.32
C LEU B 311 -3.04 -16.06 -17.64
N LYS B 312 -4.35 -16.02 -17.88
CA LYS B 312 -5.22 -17.01 -17.27
C LYS B 312 -4.85 -18.41 -17.77
N THR B 313 -4.80 -18.56 -19.09
CA THR B 313 -4.45 -19.82 -19.76
C THR B 313 -3.15 -20.41 -19.22
N SER B 314 -2.11 -19.59 -19.23
CA SER B 314 -0.79 -19.99 -18.74
C SER B 314 -0.85 -20.52 -17.29
N THR B 315 -1.47 -19.74 -16.40
CA THR B 315 -1.57 -20.13 -14.99
C THR B 315 -2.40 -21.41 -14.84
N LEU B 316 -3.53 -21.45 -15.53
CA LEU B 316 -4.39 -22.63 -15.50
C LEU B 316 -3.63 -23.86 -15.97
N ASN B 317 -2.87 -23.73 -17.06
CA ASN B 317 -2.11 -24.89 -17.57
C ASN B 317 -1.08 -25.41 -16.58
N GLN B 318 -0.44 -24.50 -15.85
CA GLN B 318 0.55 -24.95 -14.90
C GLN B 318 -0.12 -25.70 -13.76
N ILE B 319 -1.35 -25.31 -13.39
CA ILE B 319 -2.02 -26.00 -12.31
C ILE B 319 -2.49 -27.38 -12.80
N ILE B 320 -3.07 -27.44 -14.00
CA ILE B 320 -3.50 -28.72 -14.55
C ILE B 320 -2.29 -29.67 -14.64
N ALA B 321 -1.16 -29.14 -15.12
CA ALA B 321 0.05 -29.95 -15.25
C ALA B 321 0.49 -30.56 -13.91
N TRP B 322 0.45 -29.76 -12.86
CA TRP B 322 0.86 -30.26 -11.56
C TRP B 322 -0.09 -31.33 -11.05
N TYR B 323 -1.38 -31.18 -11.34
CA TYR B 323 -2.36 -32.18 -10.93
C TYR B 323 -2.13 -33.49 -11.70
N GLU B 324 -1.94 -33.39 -13.02
CA GLU B 324 -1.71 -34.55 -13.86
C GLU B 324 -0.44 -35.31 -13.48
N GLU B 325 0.58 -34.57 -13.03
CA GLU B 325 1.84 -35.18 -12.61
C GLU B 325 1.75 -35.70 -11.18
N GLY B 326 0.72 -35.28 -10.45
CA GLY B 326 0.57 -35.70 -9.07
C GLY B 326 1.32 -34.84 -8.07
N LYS B 327 1.99 -33.79 -8.54
CA LYS B 327 2.77 -32.90 -7.68
C LYS B 327 1.96 -31.91 -6.83
N LEU B 328 0.71 -31.66 -7.22
CA LEU B 328 -0.13 -30.74 -6.47
C LEU B 328 -1.34 -31.52 -5.96
N THR B 329 -1.80 -31.23 -4.75
CA THR B 329 -2.99 -31.92 -4.26
C THR B 329 -4.04 -30.85 -3.96
N ASP B 330 -5.32 -31.21 -4.08
CA ASP B 330 -6.36 -30.22 -3.83
C ASP B 330 -6.67 -29.93 -2.37
N ALA B 331 -7.16 -28.71 -2.14
CA ALA B 331 -7.60 -28.32 -0.81
C ALA B 331 -8.87 -29.17 -0.81
N LYS B 332 -8.95 -30.15 0.08
CA LYS B 332 -10.10 -31.05 0.10
C LYS B 332 -11.44 -30.39 0.42
N SER B 333 -12.52 -30.99 -0.07
CA SER B 333 -13.86 -30.47 0.16
C SER B 333 -14.81 -31.47 0.82
N ILE B 334 -15.80 -30.92 1.51
CA ILE B 334 -16.84 -31.72 2.14
C ILE B 334 -17.88 -31.75 1.03
N GLU B 335 -18.22 -32.93 0.55
CA GLU B 335 -19.16 -33.03 -0.56
C GLU B 335 -20.59 -33.37 -0.21
N THR B 336 -21.52 -32.69 -0.85
CA THR B 336 -22.93 -32.95 -0.65
C THR B 336 -23.52 -33.20 -2.05
N LEU B 337 -24.03 -34.41 -2.24
CA LEU B 337 -24.59 -34.81 -3.52
C LEU B 337 -26.08 -34.48 -3.71
N TYR B 338 -26.41 -33.87 -4.84
CA TYR B 338 -27.78 -33.52 -5.16
C TYR B 338 -28.37 -34.74 -5.86
N ASP B 339 -29.47 -35.27 -5.33
CA ASP B 339 -30.10 -36.43 -5.94
C ASP B 339 -31.57 -36.17 -6.20
N GLY B 340 -31.98 -34.91 -6.10
CA GLY B 340 -33.37 -34.56 -6.36
C GLY B 340 -34.37 -34.74 -5.22
N THR B 341 -33.90 -35.06 -4.01
CA THR B 341 -34.82 -35.27 -2.89
C THR B 341 -34.87 -34.07 -1.94
N LYS B 342 -33.89 -33.18 -2.05
CA LYS B 342 -33.82 -31.99 -1.21
C LYS B 342 -33.53 -30.87 -2.20
N PRO B 343 -34.36 -29.81 -2.21
CA PRO B 343 -34.15 -28.70 -3.14
C PRO B 343 -32.69 -28.32 -3.28
N LEU B 344 -32.25 -28.09 -4.52
CA LEU B 344 -30.86 -27.73 -4.75
C LEU B 344 -30.41 -26.53 -3.91
N HIS B 345 -31.20 -25.47 -3.87
CA HIS B 345 -30.81 -24.28 -3.10
C HIS B 345 -30.53 -24.56 -1.62
N GLU B 346 -31.19 -25.56 -1.05
CA GLU B 346 -30.99 -25.89 0.36
C GLU B 346 -29.61 -26.53 0.57
N LEU B 347 -29.16 -27.29 -0.42
CA LEU B 347 -27.85 -27.91 -0.35
C LEU B 347 -26.82 -26.78 -0.27
N TYR B 348 -27.02 -25.74 -1.08
CA TYR B 348 -26.08 -24.63 -1.05
C TYR B 348 -26.23 -23.77 0.20
N GLN B 349 -27.43 -23.66 0.74
CA GLN B 349 -27.64 -22.90 1.95
C GLN B 349 -26.92 -23.64 3.08
N ASP B 350 -26.98 -24.96 3.08
CA ASP B 350 -26.28 -25.75 4.11
C ASP B 350 -24.78 -25.55 3.89
N GLY B 351 -24.35 -25.54 2.63
CA GLY B 351 -22.94 -25.33 2.31
C GLY B 351 -22.49 -24.00 2.89
N VAL B 352 -23.30 -22.97 2.68
CA VAL B 352 -23.00 -21.64 3.21
C VAL B 352 -22.96 -21.65 4.74
N ALA B 353 -23.96 -22.26 5.36
CA ALA B 353 -24.00 -22.29 6.82
C ALA B 353 -22.85 -23.08 7.45
N ASN B 354 -22.39 -24.13 6.76
CA ASN B 354 -21.32 -24.97 7.28
C ASN B 354 -19.93 -24.59 6.77
N SER B 355 -19.81 -23.35 6.32
CA SER B 355 -18.54 -22.87 5.78
C SER B 355 -17.38 -23.08 6.74
N LYS B 356 -17.58 -22.77 8.01
CA LYS B 356 -16.49 -22.91 8.99
C LYS B 356 -15.92 -24.31 9.07
N ASP B 357 -16.68 -25.30 8.65
CA ASP B 357 -16.21 -26.68 8.67
C ASP B 357 -15.13 -26.89 7.62
N GLY B 358 -15.08 -26.00 6.62
CA GLY B 358 -14.12 -26.15 5.53
C GLY B 358 -14.83 -26.12 4.19
N LYS B 359 -14.06 -26.01 3.11
CA LYS B 359 -14.58 -25.93 1.75
C LYS B 359 -15.72 -26.90 1.49
N GLN B 360 -16.83 -26.38 0.96
CA GLN B 360 -18.01 -27.17 0.63
C GLN B 360 -18.15 -27.29 -0.88
N LEU B 361 -18.39 -28.53 -1.35
CA LEU B 361 -18.58 -28.80 -2.76
C LEU B 361 -19.89 -29.57 -2.95
N ILE B 362 -20.79 -29.03 -3.76
CA ILE B 362 -22.04 -29.70 -4.05
C ILE B 362 -21.78 -30.47 -5.34
N THR B 363 -22.00 -31.78 -5.30
CA THR B 363 -21.80 -32.64 -6.46
C THR B 363 -23.13 -33.08 -7.06
N TYR B 364 -23.06 -33.57 -8.29
CA TYR B 364 -24.23 -34.01 -9.01
C TYR B 364 -24.05 -35.41 -9.58
C1 GOL C . 8.76 11.98 9.14
O1 GOL C . 9.41 13.47 9.09
C2 GOL C . 7.95 11.49 10.19
O2 GOL C . 6.66 11.37 9.82
C3 GOL C . 8.60 11.49 11.17
O3 GOL C . 9.85 11.67 12.06
C1 GOL D . -15.61 24.48 1.02
O1 GOL D . -15.74 25.39 -0.14
C2 GOL D . -15.42 23.77 1.84
O2 GOL D . -15.64 22.60 1.70
C3 GOL D . -15.96 23.80 3.18
O3 GOL D . -16.10 22.84 4.57
C1 GOL E . -17.30 8.32 3.47
O1 GOL E . -17.88 6.90 3.89
C2 GOL E . -16.03 8.50 2.94
O2 GOL E . -15.09 8.11 3.81
C3 GOL E . -16.12 8.99 1.84
O3 GOL E . -16.72 9.57 0.53
S SO4 F . 20.74 6.82 24.51
O1 SO4 F . 19.61 5.90 24.30
O2 SO4 F . 20.23 8.20 24.58
O3 SO4 F . 21.43 6.51 25.78
O4 SO4 F . 21.69 6.71 23.39
S SO4 G . -16.15 -1.11 3.31
O1 SO4 G . -16.15 -0.79 4.76
O2 SO4 G . -17.49 -0.89 2.75
O3 SO4 G . -15.19 -0.23 2.64
O4 SO4 G . -15.74 -2.52 3.13
S SO4 H . -22.91 10.39 7.26
O1 SO4 H . -23.00 11.67 7.99
O2 SO4 H . -24.00 9.48 7.67
O3 SO4 H . -23.04 10.69 5.82
O4 SO4 H . -21.61 9.73 7.53
PA NDP I . 3.70 21.61 10.41
O1A NDP I . 3.78 22.77 9.60
O2A NDP I . 4.20 21.55 11.84
O5B NDP I . 2.11 21.13 10.33
C5B NDP I . 1.67 19.97 11.08
C4B NDP I . 0.20 19.81 10.64
O4B NDP I . -0.36 18.63 11.28
C3B NDP I . -0.82 20.90 10.83
O3B NDP I . -1.56 21.01 9.59
C2B NDP I . -1.75 20.43 11.92
O2B NDP I . -3.12 20.89 11.95
C1B NDP I . -1.65 18.99 11.72
N9A NDP I . -2.02 18.21 12.92
C8A NDP I . -1.44 18.28 14.21
N7A NDP I . -2.01 17.43 15.02
C5A NDP I . -2.98 16.79 14.30
C6A NDP I . -3.91 15.78 14.61
N6A NDP I . -3.95 15.26 15.85
N1A NDP I . -4.76 15.33 13.64
C2A NDP I . -4.70 15.89 12.40
N3A NDP I . -3.85 16.84 12.01
C4A NDP I . -3.01 17.26 13.02
O3 NDP I . 4.31 20.41 9.64
PN NDP I . 5.40 20.24 8.50
O1N NDP I . 4.85 20.31 7.14
O2N NDP I . 6.72 19.72 8.95
O5D NDP I . 4.93 18.66 8.55
C5D NDP I . 5.09 17.74 9.65
C4D NDP I . 4.48 16.31 9.30
O4D NDP I . 4.93 15.90 8.00
C3D NDP I . 5.08 15.31 10.26
O3D NDP I . 4.25 14.15 10.34
C2D NDP I . 6.45 15.14 9.65
O2D NDP I . 7.13 14.14 10.31
C1D NDP I . 5.95 14.87 8.15
N1N NDP I . 7.05 15.06 7.16
C2N NDP I . 7.57 13.88 6.63
C3N NDP I . 8.62 13.98 5.65
C7N NDP I . 9.17 12.74 5.07
O7N NDP I . 10.13 12.72 4.26
N7N NDP I . 8.60 11.55 5.38
C4N NDP I . 9.06 15.25 5.27
C5N NDP I . 8.54 16.41 5.80
C6N NDP I . 7.52 16.32 6.75
P2B NDP I . -3.64 22.31 12.20
O1X NDP I . -5.09 22.07 12.30
O2X NDP I . -3.28 23.22 11.10
O3X NDP I . -3.06 22.81 13.52
S SO4 J . 19.66 4.29 35.22
O1 SO4 J . 18.46 3.51 34.86
O2 SO4 J . 19.25 5.58 35.79
O3 SO4 J . 20.45 3.55 36.20
O4 SO4 J . 20.48 4.53 34.01
S SO4 K . 27.63 42.82 7.40
O1 SO4 K . 28.18 43.38 8.64
O2 SO4 K . 26.50 43.66 6.96
O3 SO4 K . 28.65 42.79 6.35
O4 SO4 K . 27.18 41.44 7.65
C1 GOL L . -6.52 -6.34 -9.79
O1 GOL L . -7.13 -4.86 -9.88
C2 GOL L . -5.87 -6.96 -8.63
O2 GOL L . -5.24 -8.04 -9.01
C3 GOL L . -6.08 -6.33 -7.62
O3 GOL L . -6.61 -5.25 -6.63
C1 GOL M . 4.43 -23.73 16.83
O1 GOL M . 3.34 -22.64 17.33
C2 GOL M . 5.64 -23.37 16.16
O2 GOL M . 5.76 -22.04 16.23
C3 GOL M . 6.22 -24.34 15.65
O3 GOL M . 6.59 -25.80 15.17
S SO4 N . 1.08 -3.59 18.88
O1 SO4 N . 1.15 -4.46 17.67
O2 SO4 N . 0.15 -4.18 19.85
O3 SO4 N . 2.42 -3.44 19.48
O4 SO4 N . 0.58 -2.27 18.46
S SO4 O . -14.44 -18.25 13.39
O1 SO4 O . -13.46 -17.18 13.51
O2 SO4 O . -15.40 -17.92 12.31
O3 SO4 O . -13.77 -19.53 13.04
O4 SO4 O . -15.15 -18.42 14.68
S SO4 P . -8.44 -28.27 13.23
O1 SO4 P . -9.70 -27.60 12.81
O2 SO4 P . -7.94 -27.68 14.48
O3 SO4 P . -8.67 -29.71 13.41
O4 SO4 P . -7.45 -28.08 12.16
PA NDP Q . -11.93 -21.28 3.20
O1A NDP Q . -11.63 -22.55 2.64
O2A NDP Q . -13.33 -20.91 3.55
O5B NDP Q . -10.98 -21.12 4.53
C5B NDP Q . -11.01 -19.89 5.28
C4B NDP Q . -9.98 -20.14 6.40
O4B NDP Q . -9.81 -18.92 7.13
C3B NDP Q . -10.21 -21.23 7.45
O3B NDP Q . -9.13 -22.19 7.43
C2B NDP Q . -10.25 -20.53 8.80
O2B NDP Q . -9.49 -21.01 9.94
C1B NDP Q . -9.77 -19.21 8.48
N9A NDP Q . -10.35 -18.14 9.26
C8A NDP Q . -11.69 -17.75 9.44
N7A NDP Q . -11.75 -16.69 10.23
C5A NDP Q . -10.46 -16.39 10.58
C6A NDP Q . -9.86 -15.40 11.38
N6A NDP Q . -10.61 -14.49 12.00
N1A NDP Q . -8.51 -15.37 11.51
C2A NDP Q . -7.75 -16.29 10.88
N3A NDP Q . -8.21 -17.27 10.10
C4A NDP Q . -9.60 -17.25 9.99
O3 NDP Q . -11.34 -20.12 2.32
PN NDP Q . -10.76 -20.07 0.85
O1N NDP Q . -9.27 -20.23 0.77
O2N NDP Q . -11.70 -19.54 -0.16
O5D NDP Q . -10.46 -18.52 1.21
C5D NDP Q . -11.42 -17.51 1.47
C4D NDP Q . -10.72 -16.14 1.81
O4D NDP Q . -9.84 -15.76 0.73
C3D NDP Q . -11.79 -15.10 1.81
O3D NDP Q . -11.29 -13.95 2.50
C2D NDP Q . -12.02 -14.95 0.33
O2D NDP Q . -12.94 -13.92 0.04
C1D NDP Q . -10.50 -14.74 -0.05
N1N NDP Q . -10.21 -14.97 -1.50
C2N NDP Q . -9.93 -13.81 -2.22
C3N NDP Q . -9.61 -13.95 -3.62
C7N NDP Q . -9.28 -12.75 -4.38
O7N NDP Q . -9.14 -11.61 -3.86
N7N NDP Q . -9.08 -12.84 -5.71
C4N NDP Q . -9.60 -15.24 -4.18
C5N NDP Q . -9.89 -16.37 -3.44
C6N NDP Q . -10.19 -16.24 -2.10
P2B NDP Q . -9.57 -22.32 10.72
O1X NDP Q . -10.68 -22.09 11.65
O2X NDP Q . -8.25 -22.48 11.38
O3X NDP Q . -9.83 -23.50 9.80
#